data_9Q9O
#
_entry.id   9Q9O
#
_cell.length_a   60.685
_cell.length_b   74.380
_cell.length_c   90.109
_cell.angle_alpha   90.000
_cell.angle_beta   90.103
_cell.angle_gamma   90.000
#
_symmetry.space_group_name_H-M   'P 1 21 1'
#
loop_
_entity.id
_entity.type
_entity.pdbx_description
1 polymer 'E3 ubiquitin-protein ligase TRIM21'
2 non-polymer 4-[[[4-imidazol-1-yl-3-[1-[(4-methoxyphenyl)methyl]-3-methyl-pyrazol-4-yl]phenyl]methylamino]methyl]-~{N}-methyl-benzamide
#
_entity_poly.entity_id   1
_entity_poly.type   'polypeptide(L)'
_entity_poly.pdbx_seq_one_letter_code
;MAHHHHHHMVHITLDPDTANPWLILSEDRRQVRLGDTQQSIPGNEERFDSYPMVLGAQHFHSGKHYWEVDVTGKEAWDLG
VCRDSVRRKGHFLLSSKSGFWTIWLWNKQKYEAGTYPQTPLHLQVPPCQVGIFLDYEAGMVSFYNITDHGSLIYSFSECA
FTGPLRPFFSPGFNDGGKNTAPLTLCPLNIGSQGSTDY
;
_entity_poly.pdbx_strand_id   B,A,C,D
#
# COMPACT_ATOMS: atom_id res chain seq x y z
N HIS A 5 -33.83 -7.80 8.41
CA HIS A 5 -32.51 -7.81 7.63
C HIS A 5 -31.39 -8.55 8.41
N HIS A 6 -31.23 -8.30 9.71
CA HIS A 6 -30.29 -9.01 10.66
C HIS A 6 -30.33 -10.53 10.42
N HIS A 7 -31.46 -11.06 9.98
CA HIS A 7 -31.66 -12.52 9.77
C HIS A 7 -31.10 -12.93 8.39
N HIS A 8 -30.33 -12.10 7.70
CA HIS A 8 -29.60 -12.50 6.47
C HIS A 8 -28.07 -12.29 6.66
N MET A 9 -27.60 -12.11 7.90
CA MET A 9 -26.17 -11.93 8.26
C MET A 9 -25.34 -13.02 7.57
N VAL A 10 -24.21 -12.63 6.97
CA VAL A 10 -23.22 -13.57 6.35
C VAL A 10 -21.83 -13.18 6.84
N HIS A 11 -20.96 -14.18 6.99
CA HIS A 11 -19.52 -13.97 7.31
C HIS A 11 -18.80 -13.45 6.07
N ILE A 12 -18.18 -12.26 6.22
CA ILE A 12 -17.32 -11.60 5.19
C ILE A 12 -15.87 -11.61 5.68
N THR A 13 -14.97 -11.71 4.71
CA THR A 13 -13.49 -11.74 4.89
C THR A 13 -12.82 -10.84 3.85
N LEU A 14 -11.74 -10.21 4.28
CA LEU A 14 -10.93 -9.32 3.40
C LEU A 14 -10.05 -10.15 2.47
N ASP A 15 -10.21 -9.99 1.15
CA ASP A 15 -9.40 -10.72 0.13
C ASP A 15 -8.12 -9.92 -0.09
N PRO A 16 -6.93 -10.47 0.25
CA PRO A 16 -5.69 -9.70 0.21
C PRO A 16 -5.04 -9.65 -1.17
N ASP A 17 -5.65 -10.33 -2.16
CA ASP A 17 -5.25 -10.28 -3.60
C ASP A 17 -5.74 -9.00 -4.29
N THR A 18 -6.54 -8.20 -3.59
CA THR A 18 -7.08 -6.92 -4.13
C THR A 18 -6.46 -5.72 -3.38
N ALA A 19 -6.11 -5.89 -2.09
CA ALA A 19 -5.70 -4.82 -1.13
C ALA A 19 -4.56 -3.98 -1.68
N ASN A 20 -4.69 -2.67 -1.50
CA ASN A 20 -3.63 -1.71 -1.89
C ASN A 20 -2.45 -2.00 -0.97
N PRO A 21 -1.22 -1.97 -1.54
CA PRO A 21 -0.02 -2.36 -0.81
C PRO A 21 0.27 -1.47 0.39
N TRP A 22 -0.47 -0.41 0.62
CA TRP A 22 -0.19 0.39 1.84
C TRP A 22 -1.06 -0.10 2.99
N LEU A 23 -2.00 -1.00 2.71
CA LEU A 23 -3.04 -1.40 3.70
C LEU A 23 -2.53 -2.57 4.54
N ILE A 24 -2.73 -2.50 5.86
CA ILE A 24 -2.44 -3.60 6.84
C ILE A 24 -3.73 -4.36 7.18
N LEU A 25 -3.78 -5.64 6.84
CA LEU A 25 -4.88 -6.57 7.20
C LEU A 25 -4.52 -7.25 8.53
N SER A 26 -5.48 -7.47 9.44
CA SER A 26 -5.33 -8.35 10.64
C SER A 26 -5.10 -9.80 10.17
N GLU A 27 -4.71 -10.68 11.09
CA GLU A 27 -4.43 -12.09 10.72
C GLU A 27 -5.77 -12.82 10.61
N ASP A 28 -6.84 -12.35 11.27
CA ASP A 28 -8.19 -12.97 11.19
C ASP A 28 -8.95 -12.55 9.92
N ARG A 29 -8.54 -11.48 9.22
CA ARG A 29 -9.15 -10.95 7.95
C ARG A 29 -10.44 -10.15 8.27
N ARG A 30 -10.50 -9.53 9.45
CA ARG A 30 -11.70 -8.80 9.90
C ARG A 30 -11.43 -7.30 10.02
N GLN A 31 -10.20 -6.89 9.71
CA GLN A 31 -9.74 -5.51 9.94
C GLN A 31 -8.86 -5.05 8.78
N VAL A 32 -9.07 -3.80 8.35
CA VAL A 32 -8.21 -3.05 7.39
C VAL A 32 -7.97 -1.65 7.97
N ARG A 33 -6.70 -1.21 7.93
CA ARG A 33 -6.23 0.20 8.13
C ARG A 33 -5.08 0.48 7.18
N LEU A 34 -4.70 1.75 7.10
CA LEU A 34 -3.58 2.24 6.25
C LEU A 34 -2.28 2.26 7.08
N GLY A 35 -1.26 1.50 6.65
CA GLY A 35 0.10 1.52 7.22
C GLY A 35 0.87 2.70 6.71
N ASP A 36 1.83 3.24 7.49
CA ASP A 36 2.55 4.49 7.14
C ASP A 36 3.65 4.18 6.11
N THR A 37 4.00 2.89 5.98
CA THR A 37 5.00 2.38 5.03
C THR A 37 4.28 1.62 3.92
N GLN A 38 4.99 1.34 2.84
CA GLN A 38 4.53 0.50 1.70
C GLN A 38 4.79 -0.98 2.02
N GLN A 39 4.36 -1.89 1.15
CA GLN A 39 4.57 -3.35 1.26
C GLN A 39 4.98 -3.86 -0.10
N SER A 40 6.00 -4.71 -0.12
CA SER A 40 6.33 -5.54 -1.30
C SER A 40 5.36 -6.74 -1.29
N ILE A 41 4.60 -6.84 -2.38
CA ILE A 41 3.69 -7.97 -2.71
C ILE A 41 3.54 -7.97 -4.23
N PRO A 42 2.91 -9.00 -4.85
CA PRO A 42 2.84 -9.08 -6.31
C PRO A 42 2.18 -7.86 -6.97
N GLY A 43 2.58 -7.57 -8.20
CA GLY A 43 1.76 -6.81 -9.17
C GLY A 43 0.84 -7.76 -9.90
N ASN A 44 -0.38 -7.96 -9.37
CA ASN A 44 -1.45 -8.83 -9.94
C ASN A 44 -2.65 -7.97 -10.34
N GLU A 45 -3.33 -8.38 -11.42
CA GLU A 45 -4.52 -7.71 -12.02
C GLU A 45 -5.58 -7.34 -10.97
N GLU A 46 -5.73 -8.12 -9.90
CA GLU A 46 -6.83 -7.92 -8.92
C GLU A 46 -6.52 -6.76 -7.95
N ARG A 47 -5.32 -6.20 -7.94
CA ARG A 47 -4.93 -5.29 -6.83
C ARG A 47 -5.25 -3.83 -7.19
N PHE A 48 -5.62 -3.03 -6.20
CA PHE A 48 -5.83 -1.56 -6.34
C PHE A 48 -4.48 -0.89 -6.13
N ASP A 49 -3.89 -0.34 -7.21
CA ASP A 49 -2.52 0.21 -7.21
C ASP A 49 -2.46 1.65 -6.68
N SER A 50 -3.53 2.42 -6.87
CA SER A 50 -3.56 3.88 -6.62
C SER A 50 -4.21 4.19 -5.26
N TYR A 51 -5.51 3.86 -5.12
CA TYR A 51 -6.39 4.28 -3.99
C TYR A 51 -6.45 3.22 -2.90
N PRO A 52 -6.59 3.61 -1.61
CA PRO A 52 -6.62 2.66 -0.48
C PRO A 52 -7.88 1.79 -0.39
N MET A 53 -8.11 0.92 -1.39
CA MET A 53 -9.34 0.07 -1.49
C MET A 53 -8.99 -1.42 -1.32
N VAL A 54 -9.94 -2.20 -0.79
CA VAL A 54 -9.87 -3.69 -0.64
C VAL A 54 -11.28 -4.27 -0.82
N LEU A 55 -11.38 -5.46 -1.41
CA LEU A 55 -12.68 -6.18 -1.55
C LEU A 55 -12.89 -7.27 -0.46
N GLY A 56 -14.15 -7.70 -0.33
CA GLY A 56 -14.52 -8.95 0.33
C GLY A 56 -14.23 -10.10 -0.61
N ALA A 57 -13.89 -11.27 -0.06
CA ALA A 57 -13.57 -12.47 -0.84
C ALA A 57 -14.80 -13.00 -1.56
N GLN A 58 -15.94 -13.00 -0.88
CA GLN A 58 -17.10 -13.83 -1.25
C GLN A 58 -17.81 -13.21 -2.45
N HIS A 59 -18.07 -14.02 -3.49
CA HIS A 59 -18.89 -13.63 -4.67
C HIS A 59 -20.36 -13.94 -4.41
N PHE A 60 -21.27 -13.07 -4.81
CA PHE A 60 -22.72 -13.27 -4.67
C PHE A 60 -23.35 -13.17 -6.06
N HIS A 61 -24.02 -14.20 -6.57
CA HIS A 61 -24.78 -14.15 -7.87
C HIS A 61 -26.32 -14.28 -7.65
N SER A 62 -26.82 -14.13 -6.41
CA SER A 62 -28.25 -14.21 -6.05
C SER A 62 -28.44 -13.98 -4.54
N GLY A 63 -29.69 -13.79 -4.12
CA GLY A 63 -30.13 -13.95 -2.71
C GLY A 63 -30.01 -12.68 -1.89
N LYS A 64 -30.34 -12.75 -0.61
CA LYS A 64 -30.38 -11.58 0.31
C LYS A 64 -29.23 -11.74 1.31
N HIS A 65 -28.36 -10.73 1.44
CA HIS A 65 -27.12 -10.83 2.28
C HIS A 65 -26.96 -9.56 3.10
N TYR A 66 -26.30 -9.62 4.25
CA TYR A 66 -26.25 -8.47 5.18
C TYR A 66 -25.02 -8.57 6.08
N TRP A 67 -24.27 -7.46 6.25
CA TRP A 67 -23.14 -7.39 7.22
C TRP A 67 -23.12 -6.05 7.93
N GLU A 68 -22.24 -5.92 8.92
CA GLU A 68 -22.06 -4.73 9.80
C GLU A 68 -20.56 -4.44 9.94
N VAL A 69 -20.21 -3.15 9.97
CA VAL A 69 -18.83 -2.59 9.91
C VAL A 69 -18.70 -1.47 10.95
N ASP A 70 -17.95 -1.66 12.04
CA ASP A 70 -17.68 -0.59 13.05
C ASP A 70 -16.83 0.48 12.36
N VAL A 71 -17.06 1.78 12.63
CA VAL A 71 -16.25 2.96 12.17
C VAL A 71 -16.12 4.00 13.30
N THR A 72 -16.16 3.56 14.56
CA THR A 72 -16.06 4.43 15.77
C THR A 72 -14.80 5.32 15.70
N GLY A 73 -14.96 6.65 15.82
CA GLY A 73 -13.86 7.66 15.93
C GLY A 73 -13.39 8.22 14.59
N LYS A 74 -13.42 7.39 13.54
CA LYS A 74 -12.91 7.66 12.16
C LYS A 74 -13.49 8.95 11.59
N GLU A 75 -12.63 9.81 11.03
CA GLU A 75 -13.00 11.10 10.39
C GLU A 75 -13.22 10.90 8.89
N ALA A 76 -13.15 9.65 8.39
CA ALA A 76 -13.57 9.34 7.00
C ALA A 76 -13.56 7.84 6.78
N TRP A 77 -14.03 7.42 5.59
CA TRP A 77 -14.26 6.02 5.18
C TRP A 77 -15.11 5.97 3.90
N ASP A 78 -15.18 4.80 3.27
CA ASP A 78 -16.06 4.47 2.11
C ASP A 78 -16.52 2.99 2.28
N LEU A 79 -17.86 2.75 2.31
CA LEU A 79 -18.48 1.39 2.43
C LEU A 79 -19.38 1.16 1.21
N GLY A 80 -19.59 -0.10 0.82
CA GLY A 80 -20.45 -0.40 -0.34
C GLY A 80 -20.25 -1.80 -0.86
N VAL A 81 -20.71 -2.01 -2.10
CA VAL A 81 -20.63 -3.29 -2.88
C VAL A 81 -20.51 -2.90 -4.36
N CYS A 82 -19.83 -3.72 -5.17
CA CYS A 82 -19.51 -3.40 -6.58
C CYS A 82 -19.52 -4.67 -7.43
N ARG A 83 -19.68 -4.50 -8.75
CA ARG A 83 -19.48 -5.59 -9.75
C ARG A 83 -18.07 -6.15 -9.61
N ASP A 84 -17.87 -7.43 -9.96
CA ASP A 84 -16.53 -8.10 -10.03
C ASP A 84 -15.71 -7.48 -11.17
N SER A 85 -16.37 -6.93 -12.21
CA SER A 85 -15.75 -6.40 -13.46
C SER A 85 -15.24 -4.95 -13.35
N VAL A 86 -15.28 -4.29 -12.18
CA VAL A 86 -14.78 -2.89 -12.00
C VAL A 86 -13.27 -2.83 -12.24
N ARG A 87 -12.79 -1.68 -12.70
CA ARG A 87 -11.35 -1.38 -12.87
C ARG A 87 -10.69 -1.35 -11.49
N ARG A 88 -9.44 -1.78 -11.43
CA ARG A 88 -8.61 -1.77 -10.19
C ARG A 88 -7.44 -0.78 -10.35
N LYS A 89 -7.03 -0.52 -11.60
CA LYS A 89 -5.77 0.18 -11.98
C LYS A 89 -6.06 1.66 -12.28
N GLY A 90 -5.29 2.57 -11.69
CA GLY A 90 -5.31 4.00 -12.03
C GLY A 90 -6.32 4.79 -11.21
N HIS A 91 -6.82 5.90 -11.78
CA HIS A 91 -7.67 6.95 -11.15
C HIS A 91 -9.09 6.92 -11.73
N PHE A 92 -10.15 6.96 -10.90
CA PHE A 92 -11.56 6.82 -11.38
C PHE A 92 -12.61 7.40 -10.39
N LEU A 93 -13.89 7.32 -10.79
CA LEU A 93 -15.12 7.81 -10.09
C LEU A 93 -15.83 6.66 -9.39
N LEU A 94 -16.05 6.78 -8.07
CA LEU A 94 -17.01 5.94 -7.32
C LEU A 94 -18.44 6.32 -7.72
N SER A 95 -19.00 5.61 -8.71
CA SER A 95 -20.34 5.89 -9.29
C SER A 95 -21.08 4.60 -9.67
N SER A 96 -22.39 4.60 -9.45
CA SER A 96 -23.37 3.55 -9.84
C SER A 96 -23.24 3.25 -11.35
N LYS A 97 -22.99 4.27 -12.17
CA LYS A 97 -22.95 4.17 -13.65
C LYS A 97 -21.72 3.36 -14.08
N SER A 98 -20.71 3.24 -13.19
CA SER A 98 -19.45 2.45 -13.37
C SER A 98 -19.50 1.17 -12.52
N GLY A 99 -20.70 0.79 -12.06
CA GLY A 99 -20.91 -0.41 -11.23
C GLY A 99 -20.32 -0.30 -9.84
N PHE A 100 -20.44 0.83 -9.14
CA PHE A 100 -20.10 0.97 -7.69
C PHE A 100 -21.31 1.52 -6.91
N TRP A 101 -21.83 0.74 -5.98
CA TRP A 101 -22.98 1.13 -5.13
C TRP A 101 -22.48 1.40 -3.71
N THR A 102 -22.16 2.66 -3.40
CA THR A 102 -21.32 3.02 -2.24
C THR A 102 -21.83 4.30 -1.57
N ILE A 103 -21.50 4.49 -0.27
CA ILE A 103 -21.58 5.80 0.47
C ILE A 103 -20.26 6.05 1.21
N TRP A 104 -20.02 7.30 1.63
CA TRP A 104 -18.72 7.71 2.21
C TRP A 104 -18.83 8.88 3.21
N LEU A 105 -17.80 9.04 4.03
CA LEU A 105 -17.54 10.23 4.86
C LEU A 105 -16.20 10.82 4.40
N TRP A 106 -16.14 12.13 4.17
CA TRP A 106 -14.90 12.86 3.75
C TRP A 106 -15.03 14.30 4.24
N ASN A 107 -13.96 14.85 4.79
CA ASN A 107 -13.93 16.24 5.32
C ASN A 107 -14.51 16.23 6.73
N LYS A 108 -14.36 15.12 7.45
CA LYS A 108 -14.57 15.04 8.93
C LYS A 108 -16.07 14.84 9.27
N GLN A 109 -17.01 15.54 8.61
CA GLN A 109 -18.45 15.50 8.95
C GLN A 109 -19.31 15.60 7.71
N LYS A 110 -18.77 15.35 6.51
CA LYS A 110 -19.51 15.55 5.24
C LYS A 110 -19.89 14.19 4.63
N TYR A 111 -21.14 13.71 4.85
CA TYR A 111 -21.58 12.35 4.40
C TYR A 111 -22.27 12.42 3.04
N GLU A 112 -22.10 11.44 2.15
CA GLU A 112 -22.39 11.62 0.70
C GLU A 112 -22.63 10.28 0.03
N ALA A 113 -23.13 10.24 -1.19
CA ALA A 113 -23.68 9.00 -1.78
C ALA A 113 -23.31 8.90 -3.26
N GLY A 114 -23.10 7.69 -3.74
CA GLY A 114 -22.45 7.42 -5.04
C GLY A 114 -23.38 7.50 -6.23
N THR A 115 -24.25 8.51 -6.26
CA THR A 115 -24.98 8.88 -7.49
C THR A 115 -24.03 9.68 -8.35
N TYR A 116 -24.30 9.76 -9.66
CA TYR A 116 -23.54 10.66 -10.56
C TYR A 116 -24.46 11.77 -11.04
N PRO A 117 -24.25 13.03 -10.62
CA PRO A 117 -23.35 13.36 -9.51
C PRO A 117 -23.86 13.02 -8.12
N GLN A 118 -23.01 13.31 -7.14
CA GLN A 118 -23.05 12.71 -5.78
C GLN A 118 -24.09 13.47 -4.96
N THR A 119 -24.77 12.78 -4.07
CA THR A 119 -25.91 13.26 -3.27
C THR A 119 -25.56 13.38 -1.79
N PRO A 120 -25.33 14.58 -1.23
CA PRO A 120 -25.07 14.71 0.20
C PRO A 120 -26.18 14.16 1.10
N LEU A 121 -25.84 13.90 2.36
CA LEU A 121 -26.72 13.27 3.40
C LEU A 121 -26.86 14.23 4.59
N HIS A 122 -28.00 14.14 5.27
CA HIS A 122 -28.35 14.95 6.46
C HIS A 122 -28.73 14.00 7.59
N LEU A 123 -27.76 13.59 8.42
CA LEU A 123 -27.96 12.64 9.56
C LEU A 123 -27.92 13.38 10.91
N GLN A 124 -28.86 13.09 11.81
CA GLN A 124 -28.92 13.75 13.14
C GLN A 124 -27.91 13.08 14.08
N VAL A 125 -27.70 11.77 13.92
CA VAL A 125 -26.84 10.91 14.78
C VAL A 125 -25.71 10.35 13.93
N PRO A 126 -24.44 10.80 14.13
CA PRO A 126 -23.27 10.25 13.43
C PRO A 126 -23.10 8.75 13.71
N PRO A 127 -23.17 7.90 12.64
CA PRO A 127 -23.06 6.45 12.77
C PRO A 127 -21.70 5.94 13.29
N CYS A 128 -21.72 5.11 14.33
CA CYS A 128 -20.52 4.42 14.85
C CYS A 128 -20.43 3.05 14.21
N GLN A 129 -21.54 2.48 13.74
CA GLN A 129 -21.58 1.16 13.06
C GLN A 129 -22.53 1.27 11.86
N VAL A 130 -22.30 0.51 10.79
CA VAL A 130 -23.10 0.68 9.54
C VAL A 130 -23.47 -0.70 9.01
N GLY A 131 -24.78 -0.96 8.87
CA GLY A 131 -25.35 -2.16 8.22
C GLY A 131 -25.47 -2.01 6.71
N ILE A 132 -25.07 -3.01 5.94
CA ILE A 132 -25.19 -3.03 4.45
C ILE A 132 -26.04 -4.25 4.09
N PHE A 133 -27.16 -4.09 3.40
CA PHE A 133 -28.06 -5.22 3.02
C PHE A 133 -28.18 -5.27 1.50
N LEU A 134 -27.80 -6.36 0.88
CA LEU A 134 -27.96 -6.49 -0.59
C LEU A 134 -29.06 -7.51 -0.88
N ASP A 135 -30.00 -7.15 -1.72
CA ASP A 135 -31.03 -8.09 -2.23
C ASP A 135 -30.84 -8.13 -3.74
N TYR A 136 -30.21 -9.17 -4.23
CA TYR A 136 -29.74 -9.22 -5.63
C TYR A 136 -30.95 -9.29 -6.57
N GLU A 137 -31.99 -10.07 -6.25
CA GLU A 137 -33.15 -10.26 -7.16
C GLU A 137 -33.89 -8.92 -7.33
N ALA A 138 -34.04 -8.18 -6.24
CA ALA A 138 -34.79 -6.91 -6.17
C ALA A 138 -34.03 -5.78 -6.89
N GLY A 139 -32.73 -5.98 -7.14
CA GLY A 139 -31.80 -4.96 -7.69
C GLY A 139 -31.67 -3.78 -6.74
N MET A 140 -31.44 -4.04 -5.45
CA MET A 140 -31.32 -2.97 -4.43
C MET A 140 -30.10 -3.23 -3.55
N VAL A 141 -29.51 -2.14 -3.02
CA VAL A 141 -28.55 -2.22 -1.88
C VAL A 141 -28.89 -1.06 -0.96
N SER A 142 -28.81 -1.26 0.35
CA SER A 142 -29.33 -0.33 1.37
C SER A 142 -28.28 -0.18 2.47
N PHE A 143 -28.43 0.80 3.33
CA PHE A 143 -27.38 1.15 4.33
C PHE A 143 -28.09 1.70 5.56
N TYR A 144 -27.79 1.19 6.74
CA TYR A 144 -28.54 1.57 7.96
C TYR A 144 -27.59 2.12 9.02
N ASN A 145 -28.09 3.09 9.75
CA ASN A 145 -27.39 3.70 10.90
C ASN A 145 -27.69 2.87 12.15
N ILE A 146 -26.75 2.06 12.57
CA ILE A 146 -26.95 1.13 13.73
C ILE A 146 -27.15 1.97 15.02
N THR A 147 -26.45 3.11 15.14
CA THR A 147 -26.35 3.91 16.39
C THR A 147 -27.71 4.50 16.71
N ASP A 148 -28.49 4.80 15.65
CA ASP A 148 -29.83 5.48 15.65
C ASP A 148 -30.95 4.44 15.38
N HIS A 149 -31.01 3.39 16.23
CA HIS A 149 -32.04 2.33 16.24
C HIS A 149 -32.32 1.83 14.81
N GLY A 150 -31.32 1.89 13.92
CA GLY A 150 -31.33 1.20 12.63
C GLY A 150 -31.93 2.03 11.51
N SER A 151 -32.03 3.36 11.65
CA SER A 151 -32.60 4.28 10.62
C SER A 151 -31.97 4.06 9.24
N LEU A 152 -32.73 4.21 8.15
CA LEU A 152 -32.24 4.07 6.76
C LEU A 152 -31.49 5.35 6.39
N ILE A 153 -30.33 5.22 5.74
CA ILE A 153 -29.42 6.34 5.38
C ILE A 153 -29.54 6.59 3.88
N TYR A 154 -29.63 5.55 3.06
CA TYR A 154 -29.80 5.70 1.61
C TYR A 154 -29.95 4.31 1.03
N SER A 155 -30.55 4.24 -0.15
CA SER A 155 -30.83 2.96 -0.83
C SER A 155 -30.79 3.12 -2.33
N PHE A 156 -29.86 2.46 -2.99
CA PHE A 156 -29.77 2.41 -4.46
C PHE A 156 -31.00 1.67 -4.94
N SER A 157 -31.36 1.69 -6.21
CA SER A 157 -32.38 0.76 -6.71
C SER A 157 -32.36 0.61 -8.23
N GLU A 158 -33.37 -0.02 -8.81
CA GLU A 158 -33.48 -0.43 -10.24
C GLU A 158 -32.08 -0.75 -10.75
N CYS A 159 -31.30 -1.52 -9.97
CA CYS A 159 -29.84 -1.75 -10.17
C CYS A 159 -29.59 -2.73 -11.33
N ALA A 160 -30.58 -3.48 -11.82
CA ALA A 160 -30.40 -4.58 -12.82
C ALA A 160 -29.58 -5.72 -12.19
N PHE A 161 -28.24 -5.62 -12.22
CA PHE A 161 -27.25 -6.64 -11.76
C PHE A 161 -27.28 -7.80 -12.75
N THR A 162 -26.15 -8.16 -13.38
CA THR A 162 -26.04 -9.39 -14.22
C THR A 162 -24.87 -10.28 -13.73
N GLY A 163 -23.74 -9.70 -13.37
CA GLY A 163 -22.63 -10.56 -12.94
C GLY A 163 -22.53 -10.68 -11.42
N PRO A 164 -21.57 -11.49 -10.96
CA PRO A 164 -21.18 -11.54 -9.55
C PRO A 164 -20.86 -10.19 -8.91
N LEU A 165 -21.24 -10.07 -7.65
CA LEU A 165 -21.08 -8.84 -6.84
C LEU A 165 -20.01 -9.05 -5.76
N ARG A 166 -19.49 -7.97 -5.19
CA ARG A 166 -18.43 -8.06 -4.16
C ARG A 166 -18.68 -7.01 -3.10
N PRO A 167 -18.55 -7.33 -1.79
CA PRO A 167 -18.45 -6.32 -0.74
C PRO A 167 -17.28 -5.41 -1.08
N PHE A 168 -17.28 -4.17 -0.61
CA PHE A 168 -16.29 -3.11 -0.98
C PHE A 168 -16.05 -2.19 0.24
N PHE A 169 -14.77 -1.83 0.45
CA PHE A 169 -14.25 -1.11 1.65
C PHE A 169 -13.16 -0.09 1.24
N SER A 170 -12.87 0.84 2.15
CA SER A 170 -11.71 1.76 2.19
C SER A 170 -11.72 2.46 3.54
N PRO A 171 -10.61 2.46 4.29
CA PRO A 171 -10.57 3.15 5.57
C PRO A 171 -10.21 4.64 5.42
N GLY A 172 -10.06 5.12 4.17
CA GLY A 172 -9.71 6.53 3.86
C GLY A 172 -8.22 6.81 4.05
N PHE A 173 -7.73 7.92 3.47
CA PHE A 173 -6.38 8.51 3.72
C PHE A 173 -6.36 9.08 5.14
N ASN A 174 -5.19 9.31 5.73
CA ASN A 174 -5.11 10.01 7.03
C ASN A 174 -4.24 11.24 6.80
N ASP A 175 -4.43 11.84 5.63
CA ASP A 175 -3.91 13.18 5.25
C ASP A 175 -3.64 14.02 6.52
N GLY A 176 -4.54 14.02 7.51
CA GLY A 176 -4.40 14.81 8.75
C GLY A 176 -3.66 14.05 9.86
N GLY A 177 -3.57 12.73 9.78
CA GLY A 177 -2.97 11.87 10.83
C GLY A 177 -3.97 11.51 11.92
N LYS A 178 -5.25 11.74 11.69
CA LYS A 178 -6.30 11.60 12.72
C LYS A 178 -7.37 10.60 12.26
N ASN A 179 -7.09 9.83 11.21
CA ASN A 179 -8.02 8.80 10.68
C ASN A 179 -7.33 7.43 10.73
N THR A 180 -6.58 7.12 11.79
CA THR A 180 -5.62 5.98 11.79
C THR A 180 -6.31 4.66 12.16
N ALA A 181 -7.33 4.70 13.02
CA ALA A 181 -8.04 3.50 13.54
C ALA A 181 -8.72 2.80 12.38
N PRO A 182 -8.97 1.47 12.46
CA PRO A 182 -9.50 0.71 11.32
C PRO A 182 -11.03 0.47 11.23
N LEU A 183 -11.48 0.05 10.03
CA LEU A 183 -12.78 -0.64 9.76
C LEU A 183 -12.69 -2.04 10.37
N THR A 184 -13.61 -2.42 11.25
CA THR A 184 -13.65 -3.75 11.90
C THR A 184 -15.03 -4.38 11.65
N LEU A 185 -15.11 -5.39 10.77
CA LEU A 185 -16.38 -6.16 10.56
C LEU A 185 -16.82 -6.73 11.92
N CYS A 186 -18.00 -6.34 12.41
CA CYS A 186 -18.53 -6.68 13.77
C CYS A 186 -19.51 -7.86 13.65
N PRO A 187 -19.92 -8.48 14.77
CA PRO A 187 -20.96 -9.53 14.73
C PRO A 187 -22.36 -8.94 15.00
N HIS B 5 18.24 33.14 -13.55
CA HIS B 5 16.81 32.87 -14.03
C HIS B 5 15.86 34.02 -13.67
N HIS B 6 15.99 34.64 -12.48
CA HIS B 6 15.30 35.89 -12.02
C HIS B 6 15.12 36.88 -13.17
N HIS B 7 16.08 36.92 -14.09
CA HIS B 7 16.11 37.86 -15.23
C HIS B 7 15.22 37.37 -16.38
N HIS B 8 14.34 36.39 -16.17
CA HIS B 8 13.27 36.03 -17.14
C HIS B 8 11.85 36.15 -16.53
N MET B 9 11.70 36.83 -15.37
CA MET B 9 10.40 36.99 -14.67
C MET B 9 9.33 37.49 -15.67
N VAL B 10 8.11 36.94 -15.62
CA VAL B 10 6.90 37.37 -16.42
C VAL B 10 5.68 37.43 -15.49
N HIS B 11 4.79 38.42 -15.68
CA HIS B 11 3.49 38.57 -14.97
C HIS B 11 2.61 37.40 -15.36
N ILE B 12 2.06 36.71 -14.37
CA ILE B 12 1.12 35.56 -14.55
C ILE B 12 -0.18 36.00 -13.90
N THR B 13 -1.26 35.54 -14.48
CA THR B 13 -2.63 35.83 -13.98
C THR B 13 -3.44 34.54 -13.99
N LEU B 14 -4.28 34.41 -12.97
CA LEU B 14 -5.25 33.29 -12.85
C LEU B 14 -6.41 33.51 -13.82
N ASP B 15 -6.57 32.58 -14.76
CA ASP B 15 -7.66 32.56 -15.76
C ASP B 15 -8.89 31.95 -15.09
N PRO B 16 -9.96 32.75 -14.81
CA PRO B 16 -11.09 32.26 -14.02
C PRO B 16 -11.98 31.30 -14.84
N ASP B 17 -11.84 31.29 -16.17
CA ASP B 17 -12.56 30.38 -17.11
C ASP B 17 -12.19 28.92 -16.87
N THR B 18 -11.11 28.66 -16.14
CA THR B 18 -10.56 27.31 -15.93
C THR B 18 -10.92 26.83 -14.51
N ALA B 19 -11.05 27.77 -13.56
CA ALA B 19 -11.09 27.47 -12.10
C ALA B 19 -12.27 26.54 -11.75
N ASN B 20 -11.97 25.55 -10.93
CA ASN B 20 -13.02 24.77 -10.26
C ASN B 20 -13.96 25.75 -9.55
N PRO B 21 -15.30 25.52 -9.63
CA PRO B 21 -16.29 26.38 -8.98
C PRO B 21 -16.20 26.50 -7.45
N TRP B 22 -15.36 25.72 -6.78
CA TRP B 22 -15.22 25.84 -5.31
C TRP B 22 -14.12 26.86 -5.00
N LEU B 23 -13.42 27.33 -6.03
CA LEU B 23 -12.22 28.17 -5.80
C LEU B 23 -12.62 29.64 -5.81
N ILE B 24 -12.02 30.41 -4.90
CA ILE B 24 -12.11 31.89 -4.87
C ILE B 24 -10.84 32.50 -5.47
N LEU B 25 -10.98 33.19 -6.59
CA LEU B 25 -9.94 34.09 -7.10
C LEU B 25 -10.09 35.45 -6.41
N SER B 26 -9.00 36.19 -6.23
CA SER B 26 -9.02 37.60 -5.72
C SER B 26 -9.39 38.56 -6.85
N GLU B 27 -9.57 39.84 -6.49
CA GLU B 27 -9.89 40.92 -7.44
C GLU B 27 -8.76 41.01 -8.47
N ASP B 28 -7.51 40.86 -8.00
CA ASP B 28 -6.26 41.13 -8.76
C ASP B 28 -5.84 39.92 -9.62
N ARG B 29 -6.37 38.71 -9.37
CA ARG B 29 -6.11 37.49 -10.19
C ARG B 29 -4.73 36.92 -9.79
N ARG B 30 -4.31 37.16 -8.54
CA ARG B 30 -2.96 36.79 -8.03
C ARG B 30 -3.04 35.79 -6.87
N GLN B 31 -4.27 35.49 -6.44
CA GLN B 31 -4.52 34.62 -5.29
C GLN B 31 -5.61 33.62 -5.70
N VAL B 32 -5.43 32.38 -5.21
CA VAL B 32 -6.40 31.25 -5.28
C VAL B 32 -6.38 30.57 -3.91
N ARG B 33 -7.57 30.30 -3.37
CA ARG B 33 -7.83 29.38 -2.25
C ARG B 33 -9.15 28.65 -2.50
N LEU B 34 -9.38 27.61 -1.70
CA LEU B 34 -10.60 26.76 -1.72
C LEU B 34 -11.65 27.36 -0.76
N GLY B 35 -12.81 27.75 -1.30
CA GLY B 35 -14.01 28.14 -0.53
C GLY B 35 -14.70 26.90 -0.04
N ASP B 36 -15.34 26.94 1.14
CA ASP B 36 -16.08 25.77 1.67
C ASP B 36 -17.49 25.77 1.07
N THR B 37 -17.87 26.84 0.37
CA THR B 37 -19.15 26.99 -0.38
C THR B 37 -18.84 26.87 -1.88
N GLN B 38 -19.87 26.61 -2.70
CA GLN B 38 -19.75 26.46 -4.19
C GLN B 38 -19.98 27.83 -4.83
N GLN B 39 -19.95 27.90 -6.17
CA GLN B 39 -20.24 29.11 -6.99
C GLN B 39 -21.01 28.75 -8.27
N SER B 40 -21.89 29.69 -8.66
CA SER B 40 -22.65 29.74 -9.95
C SER B 40 -21.69 30.22 -11.04
N ILE B 41 -21.39 29.36 -11.99
CA ILE B 41 -20.63 29.70 -13.22
C ILE B 41 -20.91 28.62 -14.25
N PRO B 42 -20.71 28.89 -15.54
CA PRO B 42 -21.06 27.94 -16.60
C PRO B 42 -20.36 26.59 -16.45
N GLY B 43 -21.02 25.56 -16.98
CA GLY B 43 -20.39 24.30 -17.40
C GLY B 43 -19.75 24.50 -18.77
N ASN B 44 -18.50 24.96 -18.79
CA ASN B 44 -17.69 25.22 -20.00
C ASN B 44 -16.54 24.20 -20.03
N GLU B 45 -16.16 23.74 -21.22
CA GLU B 45 -15.22 22.62 -21.39
C GLU B 45 -13.80 22.96 -20.89
N GLU B 46 -13.47 24.23 -20.66
CA GLU B 46 -12.17 24.64 -20.08
C GLU B 46 -12.12 24.50 -18.55
N ARG B 47 -13.22 24.19 -17.88
CA ARG B 47 -13.25 24.30 -16.40
C ARG B 47 -12.93 22.93 -15.80
N PHE B 48 -12.28 22.90 -14.63
CA PHE B 48 -12.00 21.65 -13.86
C PHE B 48 -13.23 21.38 -12.99
N ASP B 49 -14.01 20.33 -13.32
CA ASP B 49 -15.30 20.02 -12.65
C ASP B 49 -15.07 19.22 -11.36
N SER B 50 -14.01 18.39 -11.30
CA SER B 50 -13.74 17.44 -10.20
C SER B 50 -12.70 17.99 -9.21
N TYR B 51 -11.47 18.28 -9.67
CA TYR B 51 -10.29 18.61 -8.79
C TYR B 51 -10.10 20.12 -8.62
N PRO B 52 -9.66 20.61 -7.43
CA PRO B 52 -9.43 22.05 -7.21
C PRO B 52 -8.23 22.69 -7.95
N MET B 53 -8.33 22.77 -9.29
CA MET B 53 -7.25 23.22 -10.19
C MET B 53 -7.66 24.49 -10.97
N VAL B 54 -6.68 25.31 -11.36
CA VAL B 54 -6.82 26.60 -12.13
C VAL B 54 -5.54 26.83 -12.93
N LEU B 55 -5.69 27.35 -14.14
CA LEU B 55 -4.55 27.66 -15.04
C LEU B 55 -4.16 29.17 -15.02
N GLY B 56 -2.96 29.45 -15.55
CA GLY B 56 -2.54 30.79 -15.98
C GLY B 56 -3.17 31.08 -17.33
N ALA B 57 -3.53 32.35 -17.57
CA ALA B 57 -4.13 32.82 -18.84
C ALA B 57 -3.10 32.78 -19.97
N GLN B 58 -1.85 33.14 -19.66
CA GLN B 58 -0.80 33.47 -20.65
C GLN B 58 -0.32 32.20 -21.32
N HIS B 59 -0.32 32.15 -22.66
CA HIS B 59 0.16 31.01 -23.48
C HIS B 59 1.65 31.16 -23.83
N PHE B 60 2.40 30.07 -23.84
CA PHE B 60 3.84 30.05 -24.20
C PHE B 60 4.08 29.11 -25.39
N HIS B 61 4.59 29.62 -26.53
CA HIS B 61 4.98 28.79 -27.72
C HIS B 61 6.51 28.85 -27.99
N SER B 62 7.30 29.46 -27.10
CA SER B 62 8.74 29.75 -27.28
C SER B 62 9.31 30.51 -26.06
N GLY B 63 10.66 30.51 -25.98
CA GLY B 63 11.44 31.41 -25.12
C GLY B 63 11.56 30.95 -23.68
N LYS B 64 12.19 31.79 -22.86
CA LYS B 64 12.58 31.48 -21.46
C LYS B 64 11.71 32.31 -20.53
N HIS B 65 11.05 31.67 -19.56
CA HIS B 65 10.07 32.36 -18.67
C HIS B 65 10.27 31.91 -17.22
N TYR B 66 9.88 32.72 -16.25
CA TYR B 66 10.11 32.43 -14.81
C TYR B 66 9.07 33.14 -13.94
N TRP B 67 8.50 32.43 -12.94
CA TRP B 67 7.68 33.09 -11.89
C TRP B 67 8.01 32.56 -10.49
N GLU B 68 7.40 33.18 -9.48
CA GLU B 68 7.52 32.84 -8.04
C GLU B 68 6.13 32.80 -7.42
N VAL B 69 5.91 31.84 -6.51
CA VAL B 69 4.62 31.52 -5.83
C VAL B 69 4.84 31.34 -4.32
N ASP B 70 4.42 32.25 -3.45
CA ASP B 70 4.50 32.04 -1.97
C ASP B 70 3.51 30.91 -1.63
N VAL B 71 3.86 30.02 -0.67
CA VAL B 71 3.04 28.90 -0.07
C VAL B 71 3.39 28.75 1.42
N THR B 72 3.63 29.88 2.10
CA THR B 72 4.06 29.91 3.52
C THR B 72 3.05 29.19 4.40
N GLY B 73 3.48 28.19 5.19
CA GLY B 73 2.67 27.52 6.24
C GLY B 73 1.75 26.41 5.74
N LYS B 74 1.35 26.48 4.46
CA LYS B 74 0.40 25.57 3.75
C LYS B 74 0.84 24.12 3.92
N GLU B 75 -0.08 23.22 4.28
CA GLU B 75 0.19 21.77 4.54
C GLU B 75 -0.06 20.94 3.26
N ALA B 76 -0.39 21.56 2.13
CA ALA B 76 -0.39 20.91 0.80
C ALA B 76 -0.57 21.92 -0.33
N TRP B 77 -0.40 21.47 -1.57
CA TRP B 77 -0.40 22.31 -2.81
C TRP B 77 0.11 21.48 -3.99
N ASP B 78 0.07 22.04 -5.20
CA ASP B 78 0.52 21.42 -6.49
C ASP B 78 0.87 22.56 -7.47
N LEU B 79 2.18 22.72 -7.83
CA LEU B 79 2.73 23.79 -8.73
C LEU B 79 3.37 23.16 -9.98
N GLY B 80 3.35 23.84 -11.10
CA GLY B 80 3.82 23.19 -12.34
C GLY B 80 3.38 23.93 -13.58
N VAL B 81 3.48 23.25 -14.73
CA VAL B 81 3.15 23.76 -16.10
C VAL B 81 2.68 22.55 -16.94
N CYS B 82 1.74 22.77 -17.88
CA CYS B 82 1.07 21.69 -18.63
C CYS B 82 0.74 22.11 -20.07
N ARG B 83 0.58 21.12 -20.97
CA ARG B 83 0.06 21.35 -22.35
C ARG B 83 -1.33 22.00 -22.24
N ASP B 84 -1.73 22.73 -23.27
CA ASP B 84 -3.07 23.37 -23.38
C ASP B 84 -4.15 22.28 -23.57
N SER B 85 -3.76 21.12 -24.13
CA SER B 85 -4.67 20.01 -24.57
C SER B 85 -5.00 19.02 -23.43
N VAL B 86 -4.59 19.30 -22.19
CA VAL B 86 -4.85 18.39 -21.05
C VAL B 86 -6.34 18.35 -20.74
N ARG B 87 -6.77 17.20 -20.22
CA ARG B 87 -8.15 16.92 -19.75
C ARG B 87 -8.45 17.84 -18.56
N ARG B 88 -9.69 18.28 -18.45
CA ARG B 88 -10.22 19.11 -17.34
C ARG B 88 -11.31 18.34 -16.58
N LYS B 89 -11.98 17.39 -17.27
CA LYS B 89 -13.27 16.75 -16.88
C LYS B 89 -13.01 15.35 -16.29
N GLY B 90 -13.55 15.09 -15.11
CA GLY B 90 -13.46 13.77 -14.46
C GLY B 90 -12.18 13.62 -13.66
N HIS B 91 -11.74 12.37 -13.45
CA HIS B 91 -10.60 11.96 -12.56
C HIS B 91 -9.42 11.50 -13.42
N PHE B 92 -8.20 11.98 -13.17
CA PHE B 92 -6.98 11.64 -13.96
C PHE B 92 -5.70 11.66 -13.07
N LEU B 93 -4.53 11.28 -13.64
CA LEU B 93 -3.21 11.28 -12.94
C LEU B 93 -2.34 12.47 -13.38
N LEU B 94 -1.78 13.18 -12.42
CA LEU B 94 -0.74 14.21 -12.70
C LEU B 94 0.54 13.50 -13.17
N SER B 95 0.60 13.22 -14.47
CA SER B 95 1.72 12.50 -15.14
C SER B 95 2.32 13.35 -16.26
N SER B 96 3.64 13.23 -16.44
CA SER B 96 4.40 13.84 -17.55
C SER B 96 4.09 13.09 -18.84
N LYS B 97 3.67 11.82 -18.74
CA LYS B 97 3.26 11.02 -19.91
C LYS B 97 1.90 11.51 -20.41
N SER B 98 1.15 12.26 -19.59
CA SER B 98 -0.15 12.92 -19.94
C SER B 98 0.04 14.44 -20.12
N GLY B 99 1.28 14.89 -20.32
CA GLY B 99 1.59 16.32 -20.50
C GLY B 99 1.36 17.17 -19.25
N PHE B 100 1.79 16.71 -18.06
CA PHE B 100 1.83 17.51 -16.80
C PHE B 100 3.22 17.44 -16.19
N TRP B 101 3.90 18.57 -16.15
CA TRP B 101 5.24 18.69 -15.54
C TRP B 101 5.10 19.43 -14.21
N THR B 102 4.99 18.70 -13.11
CA THR B 102 4.50 19.26 -11.83
C THR B 102 5.33 18.75 -10.66
N ILE B 103 5.26 19.46 -9.52
CA ILE B 103 5.61 18.96 -8.14
C ILE B 103 4.47 19.29 -7.16
N TRP B 104 4.44 18.60 -6.01
CA TRP B 104 3.35 18.75 -5.01
C TRP B 104 3.80 18.45 -3.57
N LEU B 105 3.01 18.95 -2.61
CA LEU B 105 3.05 18.58 -1.17
C LEU B 105 1.69 17.97 -0.82
N TRP B 106 1.71 16.84 -0.11
CA TRP B 106 0.47 16.20 0.40
C TRP B 106 0.84 15.34 1.60
N ASN B 107 0.00 15.38 2.62
CA ASN B 107 0.19 14.57 3.84
C ASN B 107 1.22 15.29 4.71
N LYS B 108 1.25 16.61 4.60
CA LYS B 108 1.69 17.58 5.65
C LYS B 108 3.15 17.99 5.45
N GLN B 109 4.06 17.05 5.11
CA GLN B 109 5.51 17.31 4.87
C GLN B 109 6.08 16.30 3.86
N LYS B 110 5.26 15.77 2.96
CA LYS B 110 5.64 14.65 2.05
C LYS B 110 5.73 15.21 0.61
N TYR B 111 6.92 15.70 0.19
CA TYR B 111 7.08 16.39 -1.11
C TYR B 111 7.48 15.41 -2.23
N GLU B 112 6.99 15.62 -3.45
CA GLU B 112 7.00 14.59 -4.53
C GLU B 112 6.92 15.30 -5.88
N ALA B 113 6.90 14.54 -6.98
CA ALA B 113 7.21 15.04 -8.34
C ALA B 113 6.61 14.11 -9.40
N GLY B 114 6.12 14.70 -10.48
CA GLY B 114 5.22 14.02 -11.42
C GLY B 114 5.93 13.19 -12.48
N THR B 115 6.93 12.39 -12.11
CA THR B 115 7.38 11.21 -12.91
C THR B 115 6.32 10.12 -12.76
N TYR B 116 6.24 9.20 -13.72
CA TYR B 116 5.34 8.03 -13.62
C TYR B 116 6.17 6.78 -13.47
N PRO B 117 6.21 6.15 -12.28
CA PRO B 117 5.62 6.68 -11.05
C PRO B 117 6.42 7.79 -10.38
N GLN B 118 5.82 8.34 -9.31
CA GLN B 118 6.23 9.64 -8.73
C GLN B 118 7.48 9.42 -7.89
N THR B 119 8.33 10.44 -7.84
CA THR B 119 9.64 10.44 -7.19
C THR B 119 9.60 11.31 -5.92
N PRO B 120 9.68 10.73 -4.69
CA PRO B 120 9.84 11.52 -3.47
C PRO B 120 11.07 12.44 -3.40
N LEU B 121 11.01 13.52 -2.61
CA LEU B 121 12.05 14.58 -2.51
C LEU B 121 12.50 14.74 -1.05
N HIS B 122 13.77 15.04 -0.83
CA HIS B 122 14.42 15.13 0.50
C HIS B 122 14.96 16.57 0.67
N LEU B 123 14.19 17.45 1.29
CA LEU B 123 14.55 18.88 1.53
C LEU B 123 14.90 19.05 3.01
N GLN B 124 16.10 19.55 3.33
CA GLN B 124 16.51 19.93 4.72
C GLN B 124 15.69 21.15 5.18
N VAL B 125 15.41 22.08 4.26
CA VAL B 125 14.70 23.37 4.48
C VAL B 125 13.39 23.37 3.71
N PRO B 126 12.24 23.23 4.42
CA PRO B 126 10.94 23.28 3.76
C PRO B 126 10.70 24.66 3.15
N PRO B 127 10.40 24.74 1.83
CA PRO B 127 10.18 26.00 1.13
C PRO B 127 8.91 26.81 1.53
N CYS B 128 9.09 28.10 1.80
CA CYS B 128 8.00 29.11 1.91
C CYS B 128 7.65 29.70 0.54
N GLN B 129 8.60 29.76 -0.41
CA GLN B 129 8.32 30.32 -1.77
C GLN B 129 8.95 29.39 -2.80
N VAL B 130 8.42 29.31 -4.02
CA VAL B 130 8.93 28.37 -5.05
C VAL B 130 9.06 29.09 -6.39
N GLY B 131 10.27 29.08 -6.98
CA GLY B 131 10.58 29.56 -8.35
C GLY B 131 10.36 28.47 -9.39
N ILE B 132 9.70 28.80 -10.49
CA ILE B 132 9.43 27.86 -11.61
C ILE B 132 10.03 28.51 -12.86
N PHE B 133 10.96 27.89 -13.57
CA PHE B 133 11.59 28.45 -14.81
C PHE B 133 11.26 27.52 -15.97
N LEU B 134 10.68 28.01 -17.05
CA LEU B 134 10.47 27.15 -18.25
C LEU B 134 11.35 27.68 -19.40
N ASP B 135 12.11 26.79 -20.00
CA ASP B 135 12.86 27.10 -21.24
C ASP B 135 12.31 26.20 -22.34
N TYR B 136 11.49 26.75 -23.21
CA TYR B 136 10.72 25.96 -24.20
C TYR B 136 11.66 25.31 -25.22
N GLU B 137 12.64 26.04 -25.75
CA GLU B 137 13.50 25.54 -26.87
C GLU B 137 14.35 24.38 -26.36
N ALA B 138 14.79 24.46 -25.11
CA ALA B 138 15.67 23.42 -24.48
C ALA B 138 14.87 22.18 -24.06
N GLY B 139 13.52 22.27 -24.04
CA GLY B 139 12.59 21.24 -23.54
C GLY B 139 12.76 20.99 -22.06
N MET B 140 12.81 22.03 -21.24
CA MET B 140 13.13 21.89 -19.80
C MET B 140 12.11 22.64 -18.95
N VAL B 141 11.87 22.18 -17.73
CA VAL B 141 11.20 23.03 -16.69
C VAL B 141 11.83 22.68 -15.34
N SER B 142 12.06 23.66 -14.49
CA SER B 142 12.95 23.51 -13.30
C SER B 142 12.26 24.14 -12.09
N PHE B 143 12.67 23.85 -10.88
CA PHE B 143 11.92 24.28 -9.67
C PHE B 143 12.90 24.60 -8.56
N TYR B 144 12.84 25.78 -7.96
CA TYR B 144 13.88 26.19 -7.00
C TYR B 144 13.27 26.53 -5.65
N ASN B 145 13.95 26.10 -4.59
CA ASN B 145 13.60 26.40 -3.19
C ASN B 145 14.09 27.79 -2.81
N ILE B 146 13.25 28.81 -2.82
CA ILE B 146 13.67 30.24 -2.57
C ILE B 146 14.23 30.39 -1.15
N THR B 147 13.70 29.63 -0.19
CA THR B 147 13.96 29.81 1.26
C THR B 147 15.40 29.38 1.57
N ASP B 148 15.92 28.43 0.79
CA ASP B 148 17.31 27.88 0.91
C ASP B 148 18.18 28.41 -0.23
N HIS B 149 18.39 29.74 -0.24
CA HIS B 149 19.26 30.46 -1.22
C HIS B 149 19.08 29.87 -2.62
N GLY B 150 17.88 29.41 -2.95
CA GLY B 150 17.43 29.18 -4.33
C GLY B 150 17.79 27.81 -4.84
N SER B 151 18.03 26.83 -3.92
CA SER B 151 18.53 25.46 -4.23
C SER B 151 17.59 24.74 -5.20
N LEU B 152 18.11 23.88 -6.08
CA LEU B 152 17.28 23.17 -7.08
C LEU B 152 16.60 22.02 -6.34
N ILE B 153 15.31 21.79 -6.62
CA ILE B 153 14.47 20.75 -5.99
C ILE B 153 14.33 19.62 -7.01
N TYR B 154 14.09 19.97 -8.26
CA TYR B 154 13.82 18.98 -9.32
C TYR B 154 13.75 19.70 -10.64
N SER B 155 13.89 18.95 -11.72
CA SER B 155 13.91 19.51 -13.08
C SER B 155 13.52 18.43 -14.09
N PHE B 156 12.43 18.59 -14.80
CA PHE B 156 12.08 17.72 -15.94
C PHE B 156 13.05 18.05 -17.05
N SER B 157 13.11 17.28 -18.12
CA SER B 157 13.88 17.67 -19.32
C SER B 157 13.55 16.75 -20.51
N GLU B 158 14.34 16.84 -21.58
CA GLU B 158 14.15 16.15 -22.88
C GLU B 158 12.66 16.15 -23.22
N CYS B 159 11.95 17.24 -22.92
CA CYS B 159 10.47 17.28 -22.88
C CYS B 159 9.86 17.37 -24.29
N ALA B 160 10.67 17.64 -25.33
CA ALA B 160 10.23 17.85 -26.73
C ALA B 160 9.40 19.15 -26.85
N PHE B 161 8.08 19.11 -26.52
CA PHE B 161 7.10 20.23 -26.58
C PHE B 161 6.80 20.57 -28.05
N THR B 162 5.53 20.57 -28.45
CA THR B 162 5.03 21.32 -29.65
C THR B 162 3.74 22.09 -29.30
N GLY B 163 2.91 21.54 -28.42
CA GLY B 163 1.81 22.28 -27.79
C GLY B 163 2.25 23.66 -27.29
N PRO B 164 1.36 24.66 -27.36
CA PRO B 164 1.37 25.74 -26.39
C PRO B 164 1.23 25.26 -24.94
N LEU B 165 1.87 25.98 -24.03
CA LEU B 165 2.03 25.57 -22.61
C LEU B 165 1.27 26.54 -21.72
N ARG B 166 0.99 26.12 -20.50
CA ARG B 166 0.21 26.93 -19.54
C ARG B 166 0.81 26.74 -18.15
N PRO B 167 0.93 27.80 -17.35
CA PRO B 167 1.20 27.66 -15.93
C PRO B 167 0.07 26.82 -15.32
N PHE B 168 0.32 26.17 -14.17
CA PHE B 168 -0.62 25.21 -13.52
C PHE B 168 -0.48 25.32 -11.98
N PHE B 169 -1.64 25.36 -11.30
CA PHE B 169 -1.80 25.61 -9.84
C PHE B 169 -2.93 24.73 -9.24
N SER B 170 -2.84 24.50 -7.94
CA SER B 170 -3.90 23.96 -7.05
C SER B 170 -3.47 24.32 -5.64
N PRO B 171 -4.38 24.92 -4.84
CA PRO B 171 -4.12 25.18 -3.41
C PRO B 171 -4.41 24.00 -2.45
N GLY B 172 -4.73 22.82 -2.99
CA GLY B 172 -4.88 21.56 -2.22
C GLY B 172 -6.23 21.45 -1.50
N PHE B 173 -6.58 20.24 -1.01
CA PHE B 173 -7.83 19.96 -0.23
C PHE B 173 -7.65 20.35 1.24
N ASN B 174 -8.74 20.39 2.00
CA ASN B 174 -8.69 20.84 3.41
C ASN B 174 -9.37 19.80 4.31
N ASP B 175 -9.18 18.51 4.04
CA ASP B 175 -9.76 17.36 4.80
C ASP B 175 -9.30 17.42 6.27
N GLY B 176 -9.24 18.61 6.88
CA GLY B 176 -8.49 18.86 8.12
C GLY B 176 -8.75 20.25 8.69
N GLY B 177 -9.01 21.24 7.81
CA GLY B 177 -9.32 22.65 8.16
C GLY B 177 -8.07 23.52 8.30
N LYS B 178 -6.91 22.92 8.00
CA LYS B 178 -5.57 23.45 8.41
C LYS B 178 -4.74 23.88 7.18
N ASN B 179 -5.33 23.86 5.97
CA ASN B 179 -4.65 24.29 4.72
C ASN B 179 -5.32 25.53 4.10
N THR B 180 -6.02 26.35 4.90
CA THR B 180 -7.04 27.34 4.44
C THR B 180 -6.41 28.44 3.57
N ALA B 181 -5.19 28.90 3.90
CA ALA B 181 -4.57 30.11 3.34
C ALA B 181 -4.25 29.89 1.88
N PRO B 182 -4.03 30.95 1.08
CA PRO B 182 -3.80 30.81 -0.37
C PRO B 182 -2.35 30.75 -0.90
N LEU B 183 -2.21 30.26 -2.15
CA LEU B 183 -1.11 30.58 -3.10
C LEU B 183 -1.20 32.06 -3.45
N THR B 184 -0.14 32.85 -3.23
CA THR B 184 -0.02 34.27 -3.67
C THR B 184 1.14 34.38 -4.66
N LEU B 185 0.87 34.61 -5.94
CA LEU B 185 1.92 34.96 -6.94
C LEU B 185 2.64 36.23 -6.44
N CYS B 186 3.93 36.14 -6.10
CA CYS B 186 4.75 37.22 -5.47
C CYS B 186 5.62 37.91 -6.52
N PRO B 187 6.06 39.16 -6.26
CA PRO B 187 7.10 39.79 -7.09
C PRO B 187 8.51 39.49 -6.55
N HIS C 5 13.95 -3.20 -1.49
CA HIS C 5 14.71 -1.89 -1.25
C HIS C 5 14.27 -0.76 -2.22
N HIS C 6 13.92 -1.11 -3.47
CA HIS C 6 13.38 -0.22 -4.53
C HIS C 6 12.43 0.81 -3.91
N HIS C 7 11.67 0.42 -2.90
CA HIS C 7 10.62 1.30 -2.33
C HIS C 7 11.20 2.17 -1.20
N HIS C 8 12.51 2.44 -1.19
CA HIS C 8 13.08 3.54 -0.38
C HIS C 8 13.69 4.61 -1.32
N MET C 9 13.37 4.55 -2.62
CA MET C 9 13.91 5.43 -3.70
C MET C 9 13.81 6.88 -3.25
N VAL C 10 14.86 7.67 -3.53
CA VAL C 10 14.89 9.16 -3.36
C VAL C 10 15.52 9.78 -4.61
N HIS C 11 15.06 10.97 -4.98
CA HIS C 11 15.68 11.79 -6.05
C HIS C 11 16.94 12.46 -5.53
N ILE C 12 18.06 12.22 -6.22
CA ILE C 12 19.41 12.75 -5.88
C ILE C 12 19.79 13.72 -7.00
N THR C 13 20.58 14.73 -6.62
CA THR C 13 21.06 15.82 -7.49
C THR C 13 22.56 16.07 -7.23
N LEU C 14 23.29 16.35 -8.31
CA LEU C 14 24.75 16.63 -8.25
C LEU C 14 24.96 18.05 -7.70
N ASP C 15 25.66 18.20 -6.56
CA ASP C 15 25.95 19.51 -5.92
C ASP C 15 27.16 20.14 -6.62
N PRO C 16 26.99 21.26 -7.40
CA PRO C 16 28.08 21.79 -8.23
C PRO C 16 29.11 22.57 -7.40
N ASP C 17 28.76 22.91 -6.15
CA ASP C 17 29.65 23.60 -5.18
C ASP C 17 30.76 22.65 -4.68
N THR C 18 30.60 21.34 -4.88
CA THR C 18 31.60 20.31 -4.48
C THR C 18 32.47 19.88 -5.68
N ALA C 19 31.94 19.91 -6.92
CA ALA C 19 32.52 19.27 -8.13
C ALA C 19 33.92 19.82 -8.44
N ASN C 20 34.87 18.92 -8.67
CA ASN C 20 36.20 19.20 -9.27
C ASN C 20 35.97 20.01 -10.54
N PRO C 21 36.72 21.13 -10.72
CA PRO C 21 36.45 22.07 -11.80
C PRO C 21 36.67 21.50 -13.20
N TRP C 22 37.11 20.26 -13.32
CA TRP C 22 37.27 19.66 -14.65
C TRP C 22 36.00 18.90 -15.03
N LEU C 23 35.07 18.80 -14.09
CA LEU C 23 33.82 18.03 -14.32
C LEU C 23 32.76 18.93 -14.97
N ILE C 24 32.06 18.39 -15.99
CA ILE C 24 30.84 18.99 -16.60
C ILE C 24 29.58 18.39 -15.96
N LEU C 25 28.82 19.19 -15.22
CA LEU C 25 27.45 18.80 -14.78
C LEU C 25 26.49 19.20 -15.91
N SER C 26 25.41 18.43 -16.11
CA SER C 26 24.29 18.78 -17.01
C SER C 26 23.40 19.85 -16.37
N GLU C 27 22.52 20.41 -17.19
CA GLU C 27 21.56 21.46 -16.77
C GLU C 27 20.74 20.86 -15.63
N ASP C 28 20.38 19.58 -15.74
CA ASP C 28 19.35 18.92 -14.88
C ASP C 28 19.95 18.34 -13.59
N ARG C 29 21.27 18.23 -13.46
CA ARG C 29 21.99 17.78 -12.23
C ARG C 29 21.81 16.24 -12.05
N ARG C 30 21.73 15.54 -13.18
CA ARG C 30 21.56 14.07 -13.26
C ARG C 30 22.74 13.39 -13.96
N GLN C 31 23.62 14.18 -14.58
CA GLN C 31 24.78 13.66 -15.32
C GLN C 31 26.04 14.40 -14.87
N VAL C 32 27.12 13.62 -14.80
CA VAL C 32 28.51 14.13 -14.62
C VAL C 32 29.39 13.29 -15.57
N ARG C 33 30.34 13.97 -16.24
CA ARG C 33 31.52 13.40 -16.97
C ARG C 33 32.74 14.28 -16.70
N LEU C 34 33.93 13.82 -17.10
CA LEU C 34 35.19 14.61 -17.04
C LEU C 34 35.37 15.33 -18.38
N GLY C 35 35.35 16.67 -18.37
CA GLY C 35 35.75 17.50 -19.51
C GLY C 35 37.25 17.52 -19.66
N ASP C 36 37.77 17.58 -20.88
CA ASP C 36 39.24 17.52 -21.13
C ASP C 36 39.82 18.92 -20.88
N THR C 37 38.95 19.93 -20.74
CA THR C 37 39.31 21.34 -20.43
C THR C 37 38.97 21.62 -18.97
N GLN C 38 39.56 22.67 -18.38
CA GLN C 38 39.30 23.15 -16.99
C GLN C 38 38.15 24.17 -16.98
N GLN C 39 37.81 24.69 -15.81
CA GLN C 39 36.74 25.70 -15.62
C GLN C 39 37.11 26.67 -14.50
N SER C 40 36.92 27.94 -14.81
CA SER C 40 36.86 29.11 -13.87
C SER C 40 35.64 28.96 -12.96
N ILE C 41 35.91 28.68 -11.68
CA ILE C 41 34.96 28.76 -10.53
C ILE C 41 35.79 29.02 -9.28
N PRO C 42 35.18 29.32 -8.11
CA PRO C 42 35.93 29.61 -6.89
C PRO C 42 36.73 28.43 -6.29
N GLY C 43 37.85 28.76 -5.64
CA GLY C 43 38.42 27.95 -4.55
C GLY C 43 37.57 28.14 -3.29
N ASN C 44 36.57 27.28 -3.09
CA ASN C 44 35.67 27.23 -1.91
C ASN C 44 35.94 25.93 -1.14
N GLU C 45 35.83 25.94 0.19
CA GLU C 45 36.32 24.83 1.04
C GLU C 45 35.62 23.50 0.69
N GLU C 46 34.45 23.55 0.06
CA GLU C 46 33.62 22.34 -0.21
C GLU C 46 34.08 21.64 -1.49
N ARG C 47 35.01 22.21 -2.24
CA ARG C 47 35.29 21.69 -3.59
C ARG C 47 36.43 20.66 -3.52
N PHE C 48 36.38 19.64 -4.38
CA PHE C 48 37.50 18.68 -4.58
C PHE C 48 38.48 19.28 -5.60
N ASP C 49 39.66 19.72 -5.12
CA ASP C 49 40.72 20.40 -5.91
C ASP C 49 41.54 19.40 -6.74
N SER C 50 41.78 18.19 -6.23
CA SER C 50 42.77 17.24 -6.78
C SER C 50 42.11 16.17 -7.65
N TYR C 51 41.12 15.43 -7.13
CA TYR C 51 40.55 14.22 -7.77
C TYR C 51 39.20 14.54 -8.43
N PRO C 52 38.85 13.91 -9.57
CA PRO C 52 37.54 14.13 -10.21
C PRO C 52 36.29 13.61 -9.45
N MET C 53 36.01 14.22 -8.29
CA MET C 53 34.91 13.78 -7.39
C MET C 53 33.78 14.84 -7.31
N VAL C 54 32.53 14.39 -7.12
CA VAL C 54 31.32 15.24 -6.83
C VAL C 54 30.44 14.60 -5.75
N LEU C 55 29.83 15.41 -4.89
CA LEU C 55 28.81 14.92 -3.92
C LEU C 55 27.35 15.10 -4.44
N GLY C 56 26.42 14.37 -3.84
CA GLY C 56 24.98 14.73 -3.93
C GLY C 56 24.68 15.87 -2.98
N ALA C 57 23.66 16.65 -3.30
CA ALA C 57 23.18 17.81 -2.51
C ALA C 57 22.54 17.36 -1.17
N GLN C 58 21.79 16.25 -1.18
CA GLN C 58 20.82 15.88 -0.10
C GLN C 58 21.57 15.38 1.13
N HIS C 59 21.32 15.92 2.33
CA HIS C 59 21.92 15.41 3.60
C HIS C 59 20.96 14.42 4.27
N PHE C 60 21.50 13.36 4.90
CA PHE C 60 20.73 12.30 5.58
C PHE C 60 21.17 12.18 7.04
N HIS C 61 20.26 12.35 8.00
CA HIS C 61 20.53 12.24 9.46
C HIS C 61 19.84 10.99 10.06
N SER C 62 19.13 10.18 9.24
CA SER C 62 18.27 9.05 9.71
C SER C 62 17.53 8.35 8.54
N GLY C 63 17.08 7.11 8.80
CA GLY C 63 16.10 6.39 7.97
C GLY C 63 16.73 5.64 6.82
N LYS C 64 15.89 5.05 5.98
CA LYS C 64 16.28 4.15 4.88
C LYS C 64 16.13 4.87 3.55
N HIS C 65 17.18 4.89 2.73
CA HIS C 65 17.23 5.67 1.48
C HIS C 65 17.85 4.78 0.38
N TYR C 66 17.56 5.06 -0.89
CA TYR C 66 17.99 4.18 -2.00
C TYR C 66 17.99 4.91 -3.34
N TRP C 67 19.06 4.76 -4.13
CA TRP C 67 19.15 5.29 -5.51
C TRP C 67 19.81 4.30 -6.48
N GLU C 68 19.80 4.64 -7.78
CA GLU C 68 20.26 3.79 -8.92
C GLU C 68 21.05 4.65 -9.90
N VAL C 69 22.17 4.14 -10.41
CA VAL C 69 23.18 4.88 -11.23
C VAL C 69 23.57 4.08 -12.48
N ASP C 70 23.17 4.49 -13.69
CA ASP C 70 23.63 3.83 -14.94
C ASP C 70 25.14 4.09 -15.07
N VAL C 71 25.92 3.12 -15.58
CA VAL C 71 27.37 3.29 -15.94
C VAL C 71 27.63 2.49 -17.22
N THR C 72 26.65 2.35 -18.10
CA THR C 72 26.78 1.50 -19.32
C THR C 72 27.96 2.01 -20.17
N GLY C 73 28.83 1.11 -20.62
CA GLY C 73 29.98 1.45 -21.49
C GLY C 73 31.27 1.72 -20.71
N LYS C 74 31.16 2.40 -19.55
CA LYS C 74 32.29 2.95 -18.73
C LYS C 74 33.33 1.89 -18.35
N GLU C 75 34.61 2.22 -18.52
CA GLU C 75 35.77 1.36 -18.15
C GLU C 75 36.33 1.80 -16.79
N ALA C 76 35.70 2.73 -16.07
CA ALA C 76 35.95 2.92 -14.61
C ALA C 76 34.86 3.79 -14.01
N TRP C 77 34.89 3.97 -12.69
CA TRP C 77 33.92 4.78 -11.93
C TRP C 77 34.17 4.52 -10.45
N ASP C 78 33.55 5.32 -9.58
CA ASP C 78 33.60 5.15 -8.10
C ASP C 78 32.22 5.56 -7.54
N LEU C 79 31.46 4.65 -6.88
CA LEU C 79 30.08 4.94 -6.33
C LEU C 79 30.06 4.69 -4.83
N GLY C 80 29.18 5.35 -4.08
CA GLY C 80 29.14 5.13 -2.63
C GLY C 80 28.51 6.27 -1.87
N VAL C 81 28.79 6.34 -0.56
CA VAL C 81 28.31 7.42 0.36
C VAL C 81 29.40 7.68 1.41
N CYS C 82 29.49 8.92 1.90
CA CYS C 82 30.51 9.38 2.87
C CYS C 82 29.94 10.35 3.90
N ARG C 83 30.60 10.49 5.07
CA ARG C 83 30.30 11.57 6.05
C ARG C 83 30.41 12.94 5.37
N ASP C 84 29.70 13.94 5.93
CA ASP C 84 29.79 15.38 5.54
C ASP C 84 31.19 15.93 5.90
N SER C 85 31.84 15.38 6.95
CA SER C 85 33.10 15.90 7.57
C SER C 85 34.40 15.45 6.86
N VAL C 86 34.31 14.69 5.74
CA VAL C 86 35.49 14.18 4.99
C VAL C 86 36.28 15.34 4.37
N ARG C 87 37.60 15.15 4.21
CA ARG C 87 38.54 16.08 3.54
C ARG C 87 38.16 16.18 2.05
N ARG C 88 38.32 17.36 1.47
CA ARG C 88 38.08 17.67 0.03
C ARG C 88 39.41 18.00 -0.69
N LYS C 89 40.37 18.52 0.09
CA LYS C 89 41.60 19.23 -0.35
C LYS C 89 42.78 18.26 -0.29
N GLY C 90 43.51 18.13 -1.39
CA GLY C 90 44.72 17.30 -1.45
C GLY C 90 44.42 15.87 -1.82
N HIS C 91 45.26 14.94 -1.35
CA HIS C 91 45.39 13.54 -1.82
C HIS C 91 45.07 12.62 -0.65
N PHE C 92 44.29 11.54 -0.86
CA PHE C 92 43.84 10.67 0.27
C PHE C 92 43.40 9.27 -0.22
N LEU C 93 43.14 8.36 0.74
CA LEU C 93 42.65 6.95 0.58
C LEU C 93 41.12 6.91 0.69
N LEU C 94 40.46 6.31 -0.31
CA LEU C 94 39.02 5.94 -0.21
C LEU C 94 38.91 4.71 0.72
N SER C 95 38.64 4.96 2.01
CA SER C 95 38.61 3.95 3.08
C SER C 95 37.49 4.22 4.10
N SER C 96 36.89 3.13 4.60
CA SER C 96 35.86 3.10 5.67
C SER C 96 36.39 3.77 6.94
N LYS C 97 37.68 3.59 7.22
CA LYS C 97 38.30 4.12 8.46
C LYS C 97 38.43 5.65 8.36
N SER C 98 38.32 6.24 7.15
CA SER C 98 38.26 7.72 6.91
C SER C 98 36.83 8.16 6.62
N GLY C 99 35.83 7.31 6.89
CA GLY C 99 34.42 7.62 6.68
C GLY C 99 34.05 7.69 5.21
N PHE C 100 34.52 6.74 4.40
CA PHE C 100 34.07 6.52 3.00
C PHE C 100 33.62 5.07 2.83
N TRP C 101 32.36 4.88 2.50
CA TRP C 101 31.72 3.56 2.28
C TRP C 101 31.42 3.43 0.79
N THR C 102 32.36 2.85 0.03
CA THR C 102 32.43 2.99 -1.44
C THR C 102 32.81 1.68 -2.12
N ILE C 103 32.48 1.54 -3.40
CA ILE C 103 33.06 0.52 -4.34
C ILE C 103 33.53 1.23 -5.62
N TRP C 104 34.37 0.57 -6.41
CA TRP C 104 34.86 1.18 -7.65
C TRP C 104 35.19 0.14 -8.71
N LEU C 105 35.33 0.58 -9.97
CA LEU C 105 36.00 -0.15 -11.07
C LEU C 105 37.25 0.65 -11.45
N TRP C 106 38.39 -0.01 -11.71
CA TRP C 106 39.57 0.64 -12.37
C TRP C 106 40.43 -0.39 -13.09
N ASN C 107 41.00 0.02 -14.21
CA ASN C 107 41.91 -0.83 -15.00
C ASN C 107 41.02 -1.71 -15.86
N LYS C 108 39.83 -1.20 -16.18
CA LYS C 108 38.98 -1.67 -17.31
C LYS C 108 37.98 -2.75 -16.82
N GLN C 109 38.42 -3.73 -16.00
CA GLN C 109 37.56 -4.83 -15.46
C GLN C 109 38.05 -5.36 -14.09
N LYS C 110 38.61 -4.50 -13.26
CA LYS C 110 39.11 -4.87 -11.92
C LYS C 110 38.26 -4.17 -10.84
N TYR C 111 37.14 -4.77 -10.38
CA TYR C 111 36.17 -4.12 -9.44
C TYR C 111 36.55 -4.43 -7.98
N GLU C 112 36.32 -3.52 -7.04
CA GLU C 112 37.01 -3.58 -5.72
C GLU C 112 36.19 -2.82 -4.69
N ALA C 113 36.67 -2.65 -3.46
CA ALA C 113 35.80 -2.22 -2.33
C ALA C 113 36.64 -1.57 -1.24
N GLY C 114 36.06 -0.59 -0.58
CA GLY C 114 36.81 0.40 0.21
C GLY C 114 37.06 -0.03 1.63
N THR C 115 37.46 -1.28 1.82
CA THR C 115 38.04 -1.76 3.10
C THR C 115 39.49 -1.26 3.14
N TYR C 116 40.08 -1.11 4.32
CA TYR C 116 41.54 -0.85 4.43
C TYR C 116 42.19 -2.10 5.01
N PRO C 117 42.99 -2.85 4.23
CA PRO C 117 43.16 -2.62 2.78
C PRO C 117 41.99 -3.10 1.91
N GLN C 118 42.11 -2.86 0.61
CA GLN C 118 40.96 -2.92 -0.32
C GLN C 118 40.73 -4.39 -0.72
N THR C 119 39.47 -4.80 -0.89
CA THR C 119 39.04 -6.21 -1.09
C THR C 119 38.46 -6.44 -2.48
N PRO C 120 39.18 -7.11 -3.40
CA PRO C 120 38.71 -7.35 -4.77
C PRO C 120 37.39 -8.14 -4.89
N LEU C 121 36.67 -8.00 -6.01
CA LEU C 121 35.31 -8.57 -6.20
C LEU C 121 35.29 -9.50 -7.42
N HIS C 122 34.47 -10.56 -7.34
CA HIS C 122 34.40 -11.62 -8.38
C HIS C 122 32.96 -11.68 -8.95
N LEU C 123 32.71 -10.97 -10.05
CA LEU C 123 31.36 -10.73 -10.63
C LEU C 123 31.17 -11.56 -11.90
N GLN C 124 30.10 -12.38 -11.97
CA GLN C 124 29.72 -13.19 -13.15
C GLN C 124 29.24 -12.27 -14.28
N VAL C 125 28.44 -11.24 -13.91
CA VAL C 125 27.75 -10.33 -14.88
C VAL C 125 28.26 -8.92 -14.64
N PRO C 126 29.07 -8.35 -15.56
CA PRO C 126 29.50 -6.96 -15.44
C PRO C 126 28.31 -5.99 -15.36
N PRO C 127 28.17 -5.24 -14.23
CA PRO C 127 27.05 -4.31 -14.02
C PRO C 127 26.95 -3.14 -15.00
N CYS C 128 25.78 -2.95 -15.60
CA CYS C 128 25.43 -1.75 -16.39
C CYS C 128 24.76 -0.70 -15.49
N GLN C 129 24.10 -1.12 -14.40
CA GLN C 129 23.49 -0.18 -13.42
C GLN C 129 23.78 -0.66 -12.01
N VAL C 130 23.79 0.23 -11.01
CA VAL C 130 24.18 -0.15 -9.62
C VAL C 130 23.22 0.51 -8.65
N GLY C 131 22.62 -0.28 -7.76
CA GLY C 131 21.78 0.22 -6.66
C GLY C 131 22.56 0.44 -5.37
N ILE C 132 22.35 1.56 -4.68
CA ILE C 132 22.99 1.89 -3.37
C ILE C 132 21.87 2.07 -2.32
N PHE C 133 21.85 1.28 -1.24
CA PHE C 133 20.80 1.35 -0.18
C PHE C 133 21.45 1.72 1.14
N LEU C 134 21.03 2.81 1.75
CA LEU C 134 21.61 3.23 3.06
C LEU C 134 20.53 3.06 4.14
N ASP C 135 20.85 2.31 5.17
CA ASP C 135 20.02 2.23 6.39
C ASP C 135 20.82 2.88 7.52
N TYR C 136 20.49 4.11 7.86
CA TYR C 136 21.28 4.89 8.84
C TYR C 136 21.18 4.22 10.24
N GLU C 137 20.00 3.81 10.70
CA GLU C 137 19.77 3.27 12.08
C GLU C 137 20.54 1.94 12.24
N ALA C 138 20.62 1.15 11.18
CA ALA C 138 21.26 -0.19 11.19
C ALA C 138 22.80 -0.08 11.11
N GLY C 139 23.32 1.10 10.74
CA GLY C 139 24.72 1.36 10.40
C GLY C 139 25.16 0.53 9.21
N MET C 140 24.42 0.55 8.10
CA MET C 140 24.67 -0.35 6.94
C MET C 140 24.63 0.42 5.63
N VAL C 141 25.45 0.04 4.65
CA VAL C 141 25.24 0.50 3.25
C VAL C 141 25.55 -0.71 2.36
N SER C 142 24.81 -0.87 1.27
CA SER C 142 24.78 -2.11 0.47
C SER C 142 24.83 -1.71 -1.00
N PHE C 143 25.14 -2.65 -1.88
CA PHE C 143 25.38 -2.36 -3.32
C PHE C 143 24.85 -3.53 -4.13
N TYR C 144 24.01 -3.30 -5.11
CA TYR C 144 23.35 -4.40 -5.85
C TYR C 144 23.65 -4.25 -7.33
N ASN C 145 23.87 -5.38 -7.98
CA ASN C 145 24.09 -5.43 -9.44
C ASN C 145 22.74 -5.52 -10.13
N ILE C 146 22.27 -4.43 -10.74
CA ILE C 146 20.91 -4.35 -11.37
C ILE C 146 20.83 -5.31 -12.56
N THR C 147 21.91 -5.49 -13.30
CA THR C 147 21.95 -6.24 -14.59
C THR C 147 21.73 -7.72 -14.31
N ASP C 148 22.18 -8.17 -13.12
CA ASP C 148 22.09 -9.57 -12.64
C ASP C 148 20.97 -9.68 -11.59
N HIS C 149 19.74 -9.37 -12.03
CA HIS C 149 18.49 -9.51 -11.25
C HIS C 149 18.73 -9.07 -9.79
N GLY C 150 19.59 -8.07 -9.57
CA GLY C 150 19.70 -7.33 -8.29
C GLY C 150 20.61 -8.00 -7.28
N SER C 151 21.59 -8.83 -7.73
CA SER C 151 22.51 -9.58 -6.83
C SER C 151 23.25 -8.62 -5.90
N LEU C 152 23.52 -9.03 -4.65
CA LEU C 152 24.38 -8.26 -3.71
C LEU C 152 25.82 -8.43 -4.17
N ILE C 153 26.58 -7.34 -4.17
CA ILE C 153 27.97 -7.30 -4.66
C ILE C 153 28.84 -7.17 -3.42
N TYR C 154 28.43 -6.31 -2.48
CA TYR C 154 29.20 -6.05 -1.25
C TYR C 154 28.30 -5.29 -0.28
N SER C 155 28.57 -5.37 1.01
CA SER C 155 27.79 -4.62 2.00
C SER C 155 28.67 -4.25 3.18
N PHE C 156 28.88 -2.97 3.44
CA PHE C 156 29.53 -2.48 4.68
C PHE C 156 28.62 -2.84 5.84
N SER C 157 29.05 -2.62 7.07
CA SER C 157 28.12 -2.71 8.21
C SER C 157 28.77 -2.24 9.52
N GLU C 158 28.05 -2.43 10.64
CA GLU C 158 28.40 -1.97 12.00
C GLU C 158 29.10 -0.62 11.92
N CYS C 159 28.63 0.26 11.03
CA CYS C 159 29.30 1.51 10.58
C CYS C 159 29.32 2.61 11.66
N ALA C 160 28.56 2.47 12.75
CA ALA C 160 28.34 3.51 13.79
C ALA C 160 27.50 4.67 13.22
N PHE C 161 28.12 5.66 12.55
CA PHE C 161 27.51 6.93 12.01
C PHE C 161 27.05 7.82 13.16
N THR C 162 27.55 9.05 13.24
CA THR C 162 26.94 10.14 14.06
C THR C 162 26.68 11.36 13.18
N GLY C 163 27.54 11.56 12.17
CA GLY C 163 27.51 12.72 11.27
C GLY C 163 26.41 12.61 10.20
N PRO C 164 25.88 13.75 9.72
CA PRO C 164 25.16 13.79 8.44
C PRO C 164 25.91 13.14 7.27
N LEU C 165 25.20 12.48 6.36
CA LEU C 165 25.82 11.64 5.29
C LEU C 165 25.55 12.25 3.91
N ARG C 166 26.31 11.81 2.91
CA ARG C 166 26.22 12.38 1.54
C ARG C 166 26.44 11.30 0.51
N PRO C 167 25.64 11.27 -0.58
CA PRO C 167 25.92 10.42 -1.73
C PRO C 167 27.30 10.79 -2.27
N PHE C 168 27.97 9.87 -2.96
CA PHE C 168 29.35 10.08 -3.47
C PHE C 168 29.52 9.44 -4.85
N PHE C 169 30.19 10.17 -5.74
CA PHE C 169 30.40 9.81 -7.17
C PHE C 169 31.81 10.20 -7.66
N SER C 170 32.27 9.50 -8.70
CA SER C 170 33.36 9.92 -9.62
C SER C 170 33.18 9.12 -10.92
N PRO C 171 33.31 9.76 -12.11
CA PRO C 171 33.31 9.05 -13.38
C PRO C 171 34.69 8.50 -13.82
N GLY C 172 35.69 8.63 -12.96
CA GLY C 172 37.05 8.12 -13.24
C GLY C 172 37.86 9.01 -14.18
N PHE C 173 39.18 8.74 -14.26
CA PHE C 173 40.12 9.40 -15.20
C PHE C 173 39.99 8.78 -16.60
N ASN C 174 40.68 9.40 -17.54
CA ASN C 174 40.69 8.93 -18.94
C ASN C 174 42.14 8.79 -19.39
N ASP C 175 43.05 8.46 -18.47
CA ASP C 175 44.43 8.03 -18.78
C ASP C 175 44.32 6.85 -19.76
N GLY C 176 43.90 7.13 -21.01
CA GLY C 176 43.56 6.13 -22.05
C GLY C 176 42.75 6.74 -23.18
N GLY C 177 41.74 7.55 -22.87
CA GLY C 177 40.86 8.18 -23.87
C GLY C 177 39.62 7.36 -24.21
N LYS C 178 39.38 6.23 -23.53
CA LYS C 178 38.26 5.31 -23.86
C LYS C 178 37.22 5.21 -22.72
N ASN C 179 37.18 6.16 -21.78
CA ASN C 179 36.24 6.14 -20.61
C ASN C 179 35.33 7.37 -20.60
N THR C 180 35.05 8.01 -21.74
CA THR C 180 34.49 9.41 -21.81
C THR C 180 33.02 9.51 -21.38
N ALA C 181 32.19 8.45 -21.50
CA ALA C 181 30.72 8.51 -21.27
C ALA C 181 30.45 8.81 -19.80
N PRO C 182 29.25 9.33 -19.43
CA PRO C 182 28.99 9.74 -18.04
C PRO C 182 28.20 8.77 -17.13
N LEU C 183 28.29 9.01 -15.81
CA LEU C 183 27.33 8.52 -14.76
C LEU C 183 25.98 9.22 -14.96
N THR C 184 24.91 8.45 -15.17
CA THR C 184 23.54 9.01 -15.37
C THR C 184 22.65 8.43 -14.29
N LEU C 185 22.27 9.22 -13.30
CA LEU C 185 21.33 8.73 -12.27
C LEU C 185 20.00 8.26 -12.94
N CYS C 186 19.51 7.07 -12.56
CA CYS C 186 18.37 6.29 -13.15
C CYS C 186 17.03 6.57 -12.42
N PRO C 187 15.84 6.28 -12.99
CA PRO C 187 14.57 6.36 -12.26
C PRO C 187 13.87 5.01 -11.95
N HIS D 5 1.75 -22.25 7.18
CA HIS D 5 1.32 -23.02 8.40
C HIS D 5 1.55 -24.53 8.21
N HIS D 6 1.54 -25.03 6.97
CA HIS D 6 1.82 -26.46 6.62
C HIS D 6 2.94 -27.01 7.52
N HIS D 7 3.95 -26.21 7.78
CA HIS D 7 5.15 -26.63 8.54
C HIS D 7 4.96 -26.35 10.04
N HIS D 8 3.73 -26.40 10.54
CA HIS D 8 3.48 -26.62 11.99
C HIS D 8 2.74 -27.95 12.17
N MET D 9 2.90 -28.85 11.19
CA MET D 9 2.15 -30.12 11.02
C MET D 9 2.40 -31.02 12.22
N VAL D 10 1.39 -31.79 12.67
CA VAL D 10 1.50 -32.79 13.77
C VAL D 10 0.62 -34.02 13.45
N HIS D 11 1.05 -35.23 13.84
CA HIS D 11 0.26 -36.49 13.75
C HIS D 11 -0.79 -36.54 14.85
N ILE D 12 -2.07 -36.67 14.45
CA ILE D 12 -3.24 -36.76 15.35
C ILE D 12 -3.82 -38.15 15.24
N THR D 13 -4.36 -38.63 16.35
CA THR D 13 -4.94 -39.98 16.53
C THR D 13 -6.32 -39.83 17.20
N LEU D 14 -7.27 -40.63 16.74
CA LEU D 14 -8.63 -40.78 17.35
C LEU D 14 -8.47 -41.49 18.70
N ASP D 15 -8.79 -40.80 19.81
CA ASP D 15 -8.76 -41.31 21.20
C ASP D 15 -10.03 -42.13 21.45
N PRO D 16 -9.96 -43.48 21.57
CA PRO D 16 -11.17 -44.30 21.60
C PRO D 16 -11.92 -44.21 22.93
N ASP D 17 -11.26 -43.76 24.01
CA ASP D 17 -11.87 -43.46 25.35
C ASP D 17 -13.04 -42.47 25.24
N THR D 18 -13.10 -41.67 24.17
CA THR D 18 -14.03 -40.53 24.06
C THR D 18 -15.19 -40.91 23.13
N ALA D 19 -14.95 -41.78 22.14
CA ALA D 19 -15.84 -42.03 20.98
C ALA D 19 -17.22 -42.55 21.42
N ASN D 20 -18.25 -41.89 20.92
CA ASN D 20 -19.67 -42.35 20.98
C ASN D 20 -19.70 -43.79 20.51
N PRO D 21 -20.42 -44.68 21.25
CA PRO D 21 -20.36 -46.11 20.97
C PRO D 21 -20.96 -46.48 19.60
N TRP D 22 -21.56 -45.57 18.88
CA TRP D 22 -22.08 -45.97 17.54
C TRP D 22 -20.97 -45.80 16.51
N LEU D 23 -19.85 -45.19 16.91
CA LEU D 23 -18.75 -44.85 15.96
C LEU D 23 -17.79 -46.03 15.81
N ILE D 24 -17.38 -46.31 14.56
CA ILE D 24 -16.26 -47.24 14.24
C ILE D 24 -14.97 -46.45 13.95
N LEU D 25 -13.99 -46.53 14.85
CA LEU D 25 -12.61 -46.08 14.55
C LEU D 25 -11.90 -47.19 13.78
N SER D 26 -10.98 -46.83 12.90
CA SER D 26 -10.15 -47.79 12.13
C SER D 26 -9.04 -48.34 13.04
N GLU D 27 -8.31 -49.34 12.54
CA GLU D 27 -7.25 -50.05 13.30
C GLU D 27 -6.15 -49.03 13.60
N ASP D 28 -5.96 -48.10 12.66
CA ASP D 28 -4.81 -47.15 12.65
C ASP D 28 -5.14 -45.85 13.40
N ARG D 29 -6.41 -45.61 13.76
CA ARG D 29 -6.85 -44.43 14.56
C ARG D 29 -6.87 -43.17 13.66
N ARG D 30 -7.10 -43.35 12.35
CA ARG D 30 -7.02 -42.29 11.31
C ARG D 30 -8.37 -42.07 10.62
N GLN D 31 -9.33 -42.96 10.83
CA GLN D 31 -10.66 -42.88 10.21
C GLN D 31 -11.72 -43.03 11.32
N VAL D 32 -12.83 -42.29 11.18
CA VAL D 32 -14.05 -42.50 12.00
C VAL D 32 -15.21 -42.41 11.00
N ARG D 33 -16.20 -43.29 11.19
CA ARG D 33 -17.55 -43.22 10.58
C ARG D 33 -18.56 -43.70 11.61
N LEU D 34 -19.84 -43.51 11.32
CA LEU D 34 -20.98 -43.95 12.16
C LEU D 34 -21.46 -45.34 11.71
N GLY D 35 -21.35 -46.35 12.59
CA GLY D 35 -21.86 -47.72 12.36
C GLY D 35 -23.36 -47.77 12.61
N ASP D 36 -24.09 -48.65 11.90
CA ASP D 36 -25.57 -48.72 11.93
C ASP D 36 -26.00 -49.50 13.18
N THR D 37 -25.06 -50.24 13.79
CA THR D 37 -25.24 -51.01 15.05
C THR D 37 -24.49 -50.28 16.17
N GLN D 38 -24.80 -50.62 17.42
CA GLN D 38 -24.17 -50.02 18.64
C GLN D 38 -22.89 -50.79 18.97
N GLN D 39 -22.22 -50.40 20.05
CA GLN D 39 -21.04 -51.09 20.61
C GLN D 39 -21.21 -51.21 22.11
N SER D 40 -20.95 -52.41 22.63
CA SER D 40 -20.74 -52.68 24.08
C SER D 40 -19.34 -52.20 24.46
N ILE D 41 -19.25 -51.18 25.31
CA ILE D 41 -18.00 -50.65 25.92
C ILE D 41 -18.38 -49.98 27.23
N PRO D 42 -17.42 -49.56 28.07
CA PRO D 42 -17.75 -48.88 29.32
C PRO D 42 -18.57 -47.59 29.13
N GLY D 43 -19.44 -47.32 30.11
CA GLY D 43 -19.86 -45.97 30.48
C GLY D 43 -18.77 -45.34 31.32
N ASN D 44 -17.88 -44.59 30.68
CA ASN D 44 -16.77 -43.84 31.34
C ASN D 44 -17.00 -42.35 31.11
N GLU D 45 -16.65 -41.51 32.09
CA GLU D 45 -16.98 -40.06 32.10
C GLU D 45 -16.48 -39.33 30.84
N GLU D 46 -15.48 -39.87 30.16
CA GLU D 46 -14.85 -39.20 29.00
C GLU D 46 -15.66 -39.44 27.72
N ARG D 47 -16.67 -40.31 27.73
CA ARG D 47 -17.28 -40.76 26.45
C ARG D 47 -18.49 -39.90 26.12
N PHE D 48 -18.78 -39.68 24.84
CA PHE D 48 -19.99 -38.95 24.36
C PHE D 48 -21.13 -39.96 24.19
N ASP D 49 -22.17 -39.89 25.05
CA ASP D 49 -23.34 -40.83 25.11
C ASP D 49 -24.42 -40.52 24.06
N SER D 50 -24.59 -39.27 23.66
CA SER D 50 -25.76 -38.78 22.89
C SER D 50 -25.36 -38.44 21.44
N TYR D 51 -24.38 -37.55 21.24
CA TYR D 51 -23.94 -37.06 19.90
C TYR D 51 -22.76 -37.87 19.37
N PRO D 52 -22.72 -38.19 18.05
CA PRO D 52 -21.59 -38.93 17.44
C PRO D 52 -20.23 -38.17 17.35
N MET D 53 -19.62 -37.92 18.52
CA MET D 53 -18.41 -37.09 18.64
C MET D 53 -17.21 -37.94 19.14
N VAL D 54 -16.00 -37.66 18.61
CA VAL D 54 -14.69 -38.27 19.05
C VAL D 54 -13.65 -37.16 19.22
N LEU D 55 -12.72 -37.32 20.16
CA LEU D 55 -11.61 -36.33 20.40
C LEU D 55 -10.25 -36.88 19.93
N GLY D 56 -9.31 -35.99 19.59
CA GLY D 56 -7.91 -36.40 19.39
C GLY D 56 -7.26 -36.65 20.75
N ALA D 57 -6.31 -37.60 20.81
CA ALA D 57 -5.53 -38.01 22.00
C ALA D 57 -4.62 -36.89 22.50
N GLN D 58 -4.01 -36.12 21.60
CA GLN D 58 -2.89 -35.21 21.91
C GLN D 58 -3.42 -33.99 22.63
N HIS D 59 -2.87 -33.67 23.81
CA HIS D 59 -3.14 -32.42 24.58
C HIS D 59 -2.14 -31.33 24.21
N PHE D 60 -2.61 -30.08 24.06
CA PHE D 60 -1.80 -28.89 23.73
C PHE D 60 -1.95 -27.87 24.85
N HIS D 61 -0.89 -27.54 25.59
CA HIS D 61 -0.89 -26.44 26.60
C HIS D 61 -0.03 -25.26 26.09
N SER D 62 0.41 -25.29 24.82
CA SER D 62 1.24 -24.23 24.19
C SER D 62 1.52 -24.53 22.71
N GLY D 63 1.95 -23.48 21.99
CA GLY D 63 2.66 -23.58 20.71
C GLY D 63 1.74 -23.62 19.50
N LYS D 64 2.35 -23.77 18.32
CA LYS D 64 1.65 -23.75 17.00
C LYS D 64 1.53 -25.17 16.46
N HIS D 65 0.31 -25.59 16.11
CA HIS D 65 0.02 -26.97 15.66
C HIS D 65 -0.88 -26.91 14.43
N TYR D 66 -0.85 -27.95 13.59
CA TYR D 66 -1.63 -27.93 12.32
C TYR D 66 -1.84 -29.34 11.76
N TRP D 67 -3.08 -29.68 11.38
CA TRP D 67 -3.43 -30.93 10.66
C TRP D 67 -4.43 -30.69 9.53
N GLU D 68 -4.72 -31.77 8.78
CA GLU D 68 -5.59 -31.79 7.56
C GLU D 68 -6.56 -32.98 7.69
N VAL D 69 -7.82 -32.78 7.32
CA VAL D 69 -8.91 -33.81 7.40
C VAL D 69 -9.68 -33.87 6.07
N ASP D 70 -9.67 -35.02 5.38
CA ASP D 70 -10.45 -35.24 4.14
C ASP D 70 -11.92 -35.36 4.53
N VAL D 71 -12.84 -34.84 3.70
CA VAL D 71 -14.31 -34.98 3.85
C VAL D 71 -14.95 -35.13 2.47
N THR D 72 -14.22 -35.70 1.51
CA THR D 72 -14.69 -35.95 0.13
C THR D 72 -15.90 -36.87 0.19
N GLY D 73 -16.99 -36.50 -0.48
CA GLY D 73 -18.23 -37.32 -0.55
C GLY D 73 -19.25 -36.96 0.52
N LYS D 74 -18.82 -36.51 1.69
CA LYS D 74 -19.65 -36.24 2.88
C LYS D 74 -20.61 -35.07 2.64
N GLU D 75 -21.89 -35.27 3.00
CA GLU D 75 -22.97 -34.25 2.93
C GLU D 75 -23.16 -33.63 4.34
N ALA D 76 -22.31 -33.98 5.31
CA ALA D 76 -22.23 -33.28 6.61
C ALA D 76 -20.96 -33.66 7.35
N TRP D 77 -20.69 -32.94 8.43
CA TRP D 77 -19.53 -33.19 9.32
C TRP D 77 -19.44 -32.04 10.34
N ASP D 78 -18.55 -32.18 11.31
CA ASP D 78 -18.23 -31.13 12.32
C ASP D 78 -16.73 -31.19 12.66
N LEU D 79 -15.92 -30.13 12.42
CA LEU D 79 -14.43 -30.15 12.67
C LEU D 79 -14.07 -28.99 13.58
N GLY D 80 -13.01 -29.12 14.37
CA GLY D 80 -12.63 -28.02 15.27
C GLY D 80 -11.76 -28.48 16.41
N VAL D 81 -11.70 -27.67 17.47
CA VAL D 81 -10.84 -27.91 18.68
C VAL D 81 -11.63 -27.39 19.87
N CYS D 82 -11.46 -28.03 21.03
CA CYS D 82 -12.22 -27.77 22.26
C CYS D 82 -11.31 -27.85 23.49
N ARG D 83 -11.67 -27.17 24.58
CA ARG D 83 -11.05 -27.36 25.91
C ARG D 83 -11.15 -28.84 26.29
N ASP D 84 -10.20 -29.33 27.10
CA ASP D 84 -10.21 -30.70 27.68
C ASP D 84 -11.37 -30.84 28.68
N SER D 85 -11.82 -29.73 29.26
CA SER D 85 -12.83 -29.70 30.35
C SER D 85 -14.26 -29.53 29.80
N VAL D 86 -14.52 -29.74 28.51
CA VAL D 86 -15.91 -29.64 27.95
C VAL D 86 -16.75 -30.80 28.47
N ARG D 87 -18.08 -30.62 28.58
CA ARG D 87 -19.02 -31.69 28.98
C ARG D 87 -19.10 -32.72 27.84
N ARG D 88 -19.28 -34.00 28.20
CA ARG D 88 -19.34 -35.16 27.28
C ARG D 88 -20.72 -35.83 27.36
N LYS D 89 -21.39 -35.69 28.52
CA LYS D 89 -22.65 -36.40 28.86
C LYS D 89 -23.84 -35.46 28.62
N GLY D 90 -24.84 -35.89 27.87
CA GLY D 90 -26.10 -35.13 27.69
C GLY D 90 -26.13 -34.34 26.39
N HIS D 91 -26.97 -33.29 26.35
CA HIS D 91 -27.25 -32.45 25.16
C HIS D 91 -26.64 -31.07 25.39
N PHE D 92 -26.14 -30.38 24.35
CA PHE D 92 -25.43 -29.08 24.47
C PHE D 92 -25.29 -28.38 23.11
N LEU D 93 -24.99 -27.07 23.13
CA LEU D 93 -24.72 -26.26 21.91
C LEU D 93 -23.21 -26.15 21.67
N LEU D 94 -22.76 -26.39 20.42
CA LEU D 94 -21.36 -26.14 19.99
C LEU D 94 -21.12 -24.63 19.90
N SER D 95 -20.56 -24.07 20.97
CA SER D 95 -20.36 -22.61 21.13
C SER D 95 -18.96 -22.32 21.69
N SER D 96 -18.41 -21.20 21.23
CA SER D 96 -17.18 -20.53 21.74
C SER D 96 -17.32 -20.20 23.23
N LYS D 97 -18.50 -19.79 23.68
CA LYS D 97 -18.80 -19.47 25.11
C LYS D 97 -18.81 -20.73 25.98
N SER D 98 -18.84 -21.93 25.38
CA SER D 98 -18.84 -23.22 26.10
C SER D 98 -17.56 -24.05 25.82
N GLY D 99 -16.51 -23.39 25.32
CA GLY D 99 -15.17 -24.00 25.11
C GLY D 99 -15.10 -24.79 23.81
N PHE D 100 -15.72 -24.32 22.71
CA PHE D 100 -15.73 -25.04 21.41
C PHE D 100 -15.46 -24.07 20.25
N TRP D 101 -14.31 -24.24 19.60
CA TRP D 101 -13.92 -23.45 18.40
C TRP D 101 -13.97 -24.36 17.18
N THR D 102 -15.12 -24.37 16.50
CA THR D 102 -15.50 -25.42 15.52
C THR D 102 -16.26 -24.82 14.33
N ILE D 103 -16.29 -25.52 13.19
CA ILE D 103 -17.14 -25.21 11.98
C ILE D 103 -17.82 -26.51 11.53
N TRP D 104 -18.89 -26.41 10.73
CA TRP D 104 -19.66 -27.61 10.34
C TRP D 104 -20.36 -27.46 8.98
N LEU D 105 -20.71 -28.60 8.41
CA LEU D 105 -21.64 -28.72 7.27
C LEU D 105 -22.88 -29.48 7.76
N TRP D 106 -24.09 -29.00 7.48
CA TRP D 106 -25.33 -29.77 7.76
C TRP D 106 -26.35 -29.48 6.67
N ASN D 107 -27.33 -30.35 6.52
CA ASN D 107 -28.49 -30.07 5.66
C ASN D 107 -28.04 -30.04 4.19
N LYS D 108 -26.92 -30.70 3.88
CA LYS D 108 -26.22 -30.63 2.57
C LYS D 108 -26.17 -29.18 2.07
N GLN D 109 -24.97 -28.61 1.98
CA GLN D 109 -24.69 -27.28 1.38
C GLN D 109 -24.91 -26.15 2.39
N LYS D 110 -25.07 -26.41 3.68
CA LYS D 110 -25.25 -25.32 4.68
C LYS D 110 -24.04 -25.26 5.61
N TYR D 111 -22.99 -24.52 5.24
CA TYR D 111 -21.74 -24.43 6.04
C TYR D 111 -21.89 -23.25 6.98
N GLU D 112 -21.47 -23.42 8.23
CA GLU D 112 -21.70 -22.43 9.32
C GLU D 112 -20.59 -22.55 10.35
N ALA D 113 -20.62 -21.75 11.40
CA ALA D 113 -19.47 -21.57 12.30
C ALA D 113 -19.93 -21.28 13.73
N GLY D 114 -19.20 -21.79 14.70
CA GLY D 114 -19.63 -21.93 16.11
C GLY D 114 -19.54 -20.65 16.91
N THR D 115 -20.03 -19.56 16.37
CA THR D 115 -20.29 -18.34 17.18
C THR D 115 -21.64 -18.58 17.87
N TYR D 116 -21.90 -17.87 18.97
CA TYR D 116 -23.25 -17.81 19.57
C TYR D 116 -23.81 -16.41 19.38
N PRO D 117 -24.83 -16.22 18.53
CA PRO D 117 -25.36 -17.27 17.66
C PRO D 117 -24.52 -17.57 16.41
N GLN D 118 -24.95 -18.56 15.65
CA GLN D 118 -24.10 -19.19 14.60
C GLN D 118 -24.10 -18.27 13.36
N THR D 119 -22.95 -18.22 12.67
CA THR D 119 -22.64 -17.30 11.54
C THR D 119 -22.44 -18.06 10.24
N PRO D 120 -23.45 -18.09 9.32
CA PRO D 120 -23.30 -18.82 8.05
C PRO D 120 -22.13 -18.41 7.14
N LEU D 121 -21.75 -19.28 6.20
CA LEU D 121 -20.55 -19.13 5.32
C LEU D 121 -20.97 -19.14 3.83
N HIS D 122 -20.27 -18.35 3.01
CA HIS D 122 -20.51 -18.24 1.53
C HIS D 122 -19.24 -18.68 0.80
N LEU D 123 -19.14 -19.98 0.51
CA LEU D 123 -17.94 -20.67 -0.03
C LEU D 123 -18.11 -20.94 -1.52
N GLN D 124 -17.13 -20.53 -2.31
CA GLN D 124 -17.18 -20.61 -3.79
C GLN D 124 -16.90 -22.04 -4.24
N VAL D 125 -15.97 -22.70 -3.55
CA VAL D 125 -15.45 -24.04 -3.92
C VAL D 125 -15.75 -24.95 -2.73
N PRO D 126 -16.69 -25.92 -2.88
CA PRO D 126 -16.93 -26.93 -1.85
C PRO D 126 -15.63 -27.64 -1.42
N PRO D 127 -15.19 -27.48 -0.15
CA PRO D 127 -13.96 -28.08 0.35
C PRO D 127 -13.96 -29.63 0.43
N CYS D 128 -12.99 -30.29 -0.22
CA CYS D 128 -12.80 -31.75 -0.15
C CYS D 128 -11.86 -32.07 1.03
N GLN D 129 -10.98 -31.14 1.42
CA GLN D 129 -10.08 -31.34 2.59
C GLN D 129 -10.07 -30.07 3.42
N VAL D 130 -9.89 -30.14 4.73
CA VAL D 130 -9.94 -28.91 5.59
C VAL D 130 -8.73 -28.86 6.50
N GLY D 131 -7.93 -27.78 6.41
CA GLY D 131 -6.74 -27.50 7.25
C GLY D 131 -7.10 -26.73 8.51
N ILE D 132 -6.65 -27.18 9.68
CA ILE D 132 -7.04 -26.63 11.01
C ILE D 132 -5.72 -26.20 11.68
N PHE D 133 -5.57 -24.94 12.07
CA PHE D 133 -4.32 -24.41 12.65
C PHE D 133 -4.62 -23.80 14.03
N LEU D 134 -3.95 -24.27 15.06
CA LEU D 134 -4.04 -23.60 16.39
C LEU D 134 -2.72 -22.86 16.70
N ASP D 135 -2.80 -21.60 17.11
CA ASP D 135 -1.69 -20.88 17.79
C ASP D 135 -2.16 -20.57 19.21
N TYR D 136 -1.67 -21.31 20.18
CA TYR D 136 -2.22 -21.23 21.56
C TYR D 136 -1.89 -19.87 22.19
N GLU D 137 -0.67 -19.35 22.03
CA GLU D 137 -0.20 -18.11 22.72
C GLU D 137 -1.00 -16.90 22.21
N ALA D 138 -1.34 -16.93 20.92
CA ALA D 138 -2.03 -15.82 20.21
C ALA D 138 -3.55 -15.80 20.54
N GLY D 139 -4.07 -16.88 21.12
CA GLY D 139 -5.51 -17.11 21.31
C GLY D 139 -6.27 -17.19 19.99
N MET D 140 -5.82 -18.00 19.04
CA MET D 140 -6.36 -18.05 17.65
C MET D 140 -6.58 -19.50 17.21
N VAL D 141 -7.64 -19.75 16.45
CA VAL D 141 -7.84 -21.07 15.76
C VAL D 141 -8.48 -20.78 14.40
N SER D 142 -8.08 -21.47 13.33
CA SER D 142 -8.26 -20.99 11.94
C SER D 142 -8.56 -22.18 11.06
N PHE D 143 -9.17 -21.98 9.91
CA PHE D 143 -9.71 -23.09 9.07
C PHE D 143 -9.48 -22.76 7.60
N TYR D 144 -9.00 -23.69 6.80
CA TYR D 144 -8.54 -23.38 5.42
C TYR D 144 -9.22 -24.34 4.47
N ASN D 145 -9.66 -23.84 3.34
CA ASN D 145 -10.18 -24.68 2.23
C ASN D 145 -9.00 -25.17 1.39
N ILE D 146 -8.57 -26.41 1.59
CA ILE D 146 -7.39 -26.98 0.87
C ILE D 146 -7.63 -26.97 -0.65
N THR D 147 -8.87 -27.23 -1.08
CA THR D 147 -9.24 -27.44 -2.49
C THR D 147 -9.06 -26.13 -3.25
N ASP D 148 -9.28 -24.98 -2.58
CA ASP D 148 -9.20 -23.61 -3.17
C ASP D 148 -7.89 -22.93 -2.77
N HIS D 149 -6.75 -23.56 -3.08
CA HIS D 149 -5.39 -23.00 -2.93
C HIS D 149 -5.23 -22.49 -1.48
N GLY D 150 -5.93 -23.10 -0.52
CA GLY D 150 -5.77 -22.87 0.93
C GLY D 150 -6.46 -21.61 1.44
N SER D 151 -7.56 -21.17 0.79
CA SER D 151 -8.34 -19.95 1.17
C SER D 151 -8.75 -20.00 2.65
N LEU D 152 -8.77 -18.87 3.35
CA LEU D 152 -9.34 -18.75 4.72
C LEU D 152 -10.87 -18.86 4.60
N ILE D 153 -11.51 -19.61 5.49
CA ILE D 153 -12.97 -19.83 5.54
C ILE D 153 -13.52 -19.12 6.77
N TYR D 154 -12.77 -19.14 7.87
CA TYR D 154 -13.18 -18.49 9.15
C TYR D 154 -11.99 -18.55 10.09
N SER D 155 -11.96 -17.69 11.09
CA SER D 155 -10.91 -17.71 12.14
C SER D 155 -11.45 -17.15 13.45
N PHE D 156 -11.48 -17.95 14.50
CA PHE D 156 -11.75 -17.47 15.88
C PHE D 156 -10.58 -16.60 16.31
N SER D 157 -10.71 -15.88 17.42
CA SER D 157 -9.62 -15.10 18.02
C SER D 157 -9.98 -14.60 19.43
N GLU D 158 -9.10 -13.79 20.01
CA GLU D 158 -9.11 -13.29 21.41
C GLU D 158 -9.63 -14.39 22.34
N CYS D 159 -9.27 -15.65 22.06
CA CYS D 159 -9.88 -16.88 22.64
C CYS D 159 -9.51 -17.08 24.12
N ALA D 160 -8.53 -16.36 24.68
CA ALA D 160 -7.96 -16.57 26.04
C ALA D 160 -7.21 -17.91 26.10
N PHE D 161 -7.91 -19.04 26.33
CA PHE D 161 -7.37 -20.42 26.52
C PHE D 161 -6.67 -20.54 27.88
N THR D 162 -7.09 -21.49 28.71
CA THR D 162 -6.49 -21.69 30.05
C THR D 162 -5.93 -23.10 30.17
N GLY D 163 -6.69 -24.11 29.77
CA GLY D 163 -6.32 -25.51 30.02
C GLY D 163 -5.70 -26.15 28.80
N PRO D 164 -5.37 -27.43 28.90
CA PRO D 164 -5.14 -28.25 27.70
C PRO D 164 -6.29 -28.17 26.68
N LEU D 165 -5.94 -28.23 25.40
CA LEU D 165 -6.92 -28.19 24.27
C LEU D 165 -6.93 -29.55 23.56
N ARG D 166 -7.99 -29.84 22.83
CA ARG D 166 -8.12 -31.16 22.15
C ARG D 166 -8.66 -30.97 20.74
N PRO D 167 -8.10 -31.67 19.73
CA PRO D 167 -8.71 -31.75 18.41
C PRO D 167 -10.11 -32.32 18.61
N PHE D 168 -11.02 -32.03 17.66
CA PHE D 168 -12.45 -32.41 17.80
C PHE D 168 -13.01 -32.77 16.41
N PHE D 169 -13.79 -33.87 16.37
CA PHE D 169 -14.36 -34.48 15.14
C PHE D 169 -15.84 -34.89 15.35
N SER D 170 -16.63 -34.90 14.26
CA SER D 170 -17.89 -35.68 14.13
C SER D 170 -18.16 -35.93 12.65
N PRO D 171 -18.51 -37.17 12.23
CA PRO D 171 -18.90 -37.44 10.84
C PRO D 171 -20.36 -37.09 10.48
N GLY D 172 -21.11 -36.53 11.42
CA GLY D 172 -22.55 -36.26 11.25
C GLY D 172 -23.39 -37.53 11.37
N PHE D 173 -24.73 -37.40 11.41
CA PHE D 173 -25.69 -38.51 11.19
C PHE D 173 -25.81 -38.77 9.66
N ASN D 174 -26.29 -39.92 9.22
CA ASN D 174 -26.82 -39.94 7.82
C ASN D 174 -28.34 -39.83 7.90
N ASP D 175 -28.97 -40.52 8.87
CA ASP D 175 -30.44 -40.61 8.96
C ASP D 175 -31.05 -40.39 7.56
N GLY D 176 -30.56 -41.13 6.56
CA GLY D 176 -30.88 -40.89 5.13
C GLY D 176 -30.04 -41.73 4.17
N GLY D 177 -28.87 -42.22 4.60
CA GLY D 177 -28.03 -43.16 3.82
C GLY D 177 -27.11 -42.45 2.83
N LYS D 178 -26.78 -41.19 3.06
CA LYS D 178 -26.06 -40.34 2.08
C LYS D 178 -24.72 -39.87 2.64
N ASN D 179 -24.44 -40.11 3.92
CA ASN D 179 -23.24 -39.57 4.60
C ASN D 179 -22.43 -40.70 5.23
N THR D 180 -22.27 -41.85 4.54
CA THR D 180 -21.66 -43.07 5.15
C THR D 180 -20.13 -43.03 5.05
N ALA D 181 -19.56 -42.28 4.09
CA ALA D 181 -18.09 -42.19 3.91
C ALA D 181 -17.49 -41.63 5.20
N PRO D 182 -16.20 -41.89 5.48
CA PRO D 182 -15.59 -41.40 6.72
C PRO D 182 -14.74 -40.12 6.60
N LEU D 183 -14.55 -39.44 7.75
CA LEU D 183 -13.43 -38.47 8.06
C LEU D 183 -12.09 -39.23 8.04
N THR D 184 -11.13 -38.81 7.24
CA THR D 184 -9.81 -39.44 7.09
C THR D 184 -8.77 -38.40 7.44
N LEU D 185 -8.01 -38.57 8.50
CA LEU D 185 -6.87 -37.63 8.72
C LEU D 185 -5.80 -37.87 7.64
N CYS D 186 -5.39 -36.78 6.97
CA CYS D 186 -4.57 -36.74 5.73
C CYS D 186 -3.09 -36.44 6.06
N PRO D 187 -2.15 -36.55 5.07
CA PRO D 187 -0.80 -35.97 5.20
C PRO D 187 -0.58 -34.69 4.36
#